data_3QE5
#
_entry.id   3QE5
#
_cell.length_a   108.495
_cell.length_b   156.360
_cell.length_c   213.648
_cell.angle_alpha   90.00
_cell.angle_beta   90.00
_cell.angle_gamma   90.00
#
_symmetry.space_group_name_H-M   'I 2 2 2'
#
loop_
_entity.id
_entity.type
_entity.pdbx_description
1 polymer 'Major cell-surface adhesin PAc'
2 non-polymer 'CALCIUM ION'
3 non-polymer 'MAGNESIUM ION'
4 non-polymer alpha-D-glucopyranose
5 water water
#
_entity_poly.entity_id   1
_entity_poly.type   'polypeptide(L)'
_entity_poly.pdbx_seq_one_letter_code
;MASMTGGQQMGRIHFHYFKLAVQPQVNKEIRNNNDINIDRTLVAKQSVVKFQLKTADLPAGRDETTSFVLVDPLPSGYQF
NPEATKAASPGFDVTYDNATNTVTFKATAATLATFNADLTKSVATIYPTVVGQVLNDGATYKNNFTLTVNDAYGIKSNVV
RVTTPGKPNDPDNPNNNYIKPTKVNKNENGVVIDGKTVLAGSTNYYELTWDLDQYKNDRSSADTIQKGFYYVDDYPEEAL
ELRQDLVKITDANGNEVTGVSVDNYTNLEAAPQEIRDVLSKAGIRPKGAFQIFRADNPREFYDTYVKTGIDLKIVSPMVV
KKQMGQTGGSYENQAYQIDFGNGYASNIVINNVPKINPKKDVTLTLDPADTNNVDGQTIPLNTVFNYRLIGGIIPANHSE
ELFKYNFYDDYDQTGDHYTGQYKVFAKVDITLKNGVIIKSGTELTQYTTAEVDTTKGAITIKFKEAFLRSVSIDSAFQAE
SYIQMKRIAVGTFENTYINTVNGVTYSSLEHHHHHH
;
_entity_poly.pdbx_strand_id   A,B
#
# COMPACT_ATOMS: atom_id res chain seq x y z
N VAL A 22 -15.88 11.20 56.84
CA VAL A 22 -15.22 10.93 55.53
C VAL A 22 -13.94 10.09 55.78
N GLN A 23 -14.10 9.00 56.53
CA GLN A 23 -12.97 8.13 56.89
C GLN A 23 -12.51 7.19 55.76
N PRO A 24 -12.72 5.86 55.87
CA PRO A 24 -12.21 5.08 54.73
C PRO A 24 -12.97 5.27 53.42
N GLN A 25 -12.29 5.87 52.45
CA GLN A 25 -12.87 6.08 51.14
C GLN A 25 -13.14 4.72 50.51
N VAL A 26 -14.21 4.59 49.75
CA VAL A 26 -14.53 3.33 49.11
C VAL A 26 -14.38 3.52 47.61
N ASN A 27 -14.23 2.44 46.87
CA ASN A 27 -14.09 2.55 45.43
C ASN A 27 -14.54 1.29 44.73
N LYS A 28 -15.53 1.41 43.85
CA LYS A 28 -15.97 0.22 43.17
C LYS A 28 -15.31 0.10 41.79
N GLU A 29 -15.02 -1.14 41.39
CA GLU A 29 -14.43 -1.36 40.08
C GLU A 29 -15.19 -2.48 39.42
N ILE A 30 -15.31 -2.43 38.11
CA ILE A 30 -16.02 -3.44 37.34
C ILE A 30 -15.07 -4.02 36.32
N ARG A 31 -14.93 -5.35 36.33
CA ARG A 31 -14.01 -6.03 35.42
C ARG A 31 -14.67 -7.24 34.78
N ASN A 32 -14.13 -7.68 33.63
CA ASN A 32 -14.69 -8.85 32.97
C ASN A 32 -14.16 -10.12 33.63
N ASN A 33 -14.43 -11.26 33.01
CA ASN A 33 -14.01 -12.53 33.59
C ASN A 33 -12.52 -12.79 33.63
N ASN A 34 -11.73 -11.92 32.99
CA ASN A 34 -10.27 -12.08 32.99
C ASN A 34 -9.64 -10.93 33.75
N ASP A 35 -10.46 -10.27 34.56
CA ASP A 35 -10.02 -9.13 35.38
C ASP A 35 -9.65 -7.84 34.69
N ILE A 36 -10.07 -7.66 33.44
CA ILE A 36 -9.80 -6.42 32.71
C ILE A 36 -10.83 -5.36 33.13
N ASN A 37 -10.36 -4.16 33.43
CA ASN A 37 -11.25 -3.06 33.83
C ASN A 37 -12.15 -2.72 32.64
N ILE A 38 -13.46 -2.90 32.80
CA ILE A 38 -14.42 -2.63 31.72
C ILE A 38 -15.33 -1.43 31.92
N ASP A 39 -15.04 -0.62 32.93
CA ASP A 39 -15.82 0.57 33.24
C ASP A 39 -15.90 1.50 32.04
N ARG A 40 -17.13 1.78 31.60
CA ARG A 40 -17.43 2.64 30.45
C ARG A 40 -17.12 2.03 29.10
N THR A 41 -16.94 0.72 29.04
CA THR A 41 -16.66 0.09 27.76
C THR A 41 -17.80 -0.80 27.31
N LEU A 42 -17.47 -1.80 26.49
CA LEU A 42 -18.47 -2.70 25.95
C LEU A 42 -18.16 -4.16 26.28
N VAL A 43 -19.20 -4.97 26.43
CA VAL A 43 -19.05 -6.37 26.74
C VAL A 43 -20.26 -7.15 26.18
N ALA A 44 -20.01 -8.36 25.69
CA ALA A 44 -21.07 -9.18 25.10
C ALA A 44 -22.16 -9.63 26.07
N LYS A 45 -23.35 -9.87 25.53
CA LYS A 45 -24.46 -10.32 26.35
C LYS A 45 -24.07 -11.70 26.90
N GLN A 46 -24.49 -11.96 28.14
CA GLN A 46 -24.20 -13.23 28.82
C GLN A 46 -22.77 -13.30 29.34
N SER A 47 -22.08 -12.17 29.23
CA SER A 47 -20.70 -12.04 29.67
C SER A 47 -20.67 -12.04 31.21
N VAL A 48 -19.65 -12.62 31.80
CA VAL A 48 -19.54 -12.61 33.27
C VAL A 48 -18.91 -11.28 33.66
N VAL A 49 -19.57 -10.55 34.57
CA VAL A 49 -19.10 -9.26 35.02
C VAL A 49 -18.87 -9.31 36.52
N LYS A 50 -17.69 -8.88 36.97
CA LYS A 50 -17.34 -8.88 38.40
C LYS A 50 -17.35 -7.50 39.06
N PHE A 51 -17.81 -7.44 40.29
CA PHE A 51 -17.85 -6.19 41.06
C PHE A 51 -16.88 -6.26 42.23
N GLN A 52 -15.96 -5.31 42.28
CA GLN A 52 -14.98 -5.24 43.36
C GLN A 52 -15.35 -4.05 44.23
N LEU A 53 -15.69 -4.33 45.48
CA LEU A 53 -16.10 -3.28 46.41
C LEU A 53 -14.92 -3.03 47.36
N LYS A 54 -13.91 -2.33 46.85
CA LYS A 54 -12.71 -2.05 47.61
C LYS A 54 -12.85 -0.87 48.55
N THR A 55 -12.05 -0.87 49.61
CA THR A 55 -12.05 0.22 50.59
C THR A 55 -10.62 0.62 50.93
N ALA A 56 -10.42 1.89 51.29
CA ALA A 56 -9.11 2.41 51.64
C ALA A 56 -8.68 1.85 52.99
N ASP A 57 -7.37 1.82 53.24
CA ASP A 57 -6.85 1.30 54.50
C ASP A 57 -7.43 2.11 55.67
N LEU A 58 -7.74 1.43 56.77
CA LEU A 58 -8.30 2.07 57.96
C LEU A 58 -7.16 2.81 58.68
N PRO A 59 -7.39 4.08 59.05
CA PRO A 59 -6.35 4.88 59.72
C PRO A 59 -5.96 4.42 61.12
N ALA A 60 -4.97 5.11 61.70
CA ALA A 60 -4.49 4.81 63.05
C ALA A 60 -5.32 5.65 64.01
N GLY A 61 -5.85 5.03 65.06
CA GLY A 61 -6.67 5.72 66.02
C GLY A 61 -8.09 5.22 65.88
N ARG A 62 -8.30 4.33 64.91
CA ARG A 62 -9.61 3.75 64.65
C ARG A 62 -10.13 2.93 65.83
N ASP A 63 -11.42 3.06 66.10
CA ASP A 63 -12.04 2.30 67.16
C ASP A 63 -11.93 0.85 66.71
N GLU A 64 -12.16 -0.09 67.61
CA GLU A 64 -12.10 -1.48 67.20
C GLU A 64 -13.25 -1.58 66.19
N THR A 65 -13.04 -2.28 65.09
CA THR A 65 -14.12 -2.39 64.11
C THR A 65 -15.04 -3.53 64.55
N THR A 66 -16.21 -3.17 65.05
CA THR A 66 -17.19 -4.16 65.51
C THR A 66 -17.92 -4.79 64.33
N SER A 67 -18.27 -3.97 63.35
CA SER A 67 -19.01 -4.43 62.18
C SER A 67 -18.50 -3.76 60.90
N PHE A 68 -18.40 -4.55 59.84
CA PHE A 68 -17.93 -4.05 58.55
C PHE A 68 -18.87 -4.59 57.48
N VAL A 69 -19.89 -3.82 57.12
CA VAL A 69 -20.88 -4.29 56.13
C VAL A 69 -20.89 -3.53 54.81
N LEU A 70 -20.93 -4.27 53.70
CA LEU A 70 -20.99 -3.66 52.37
C LEU A 70 -22.31 -4.10 51.70
N VAL A 71 -23.12 -3.15 51.26
CA VAL A 71 -24.41 -3.48 50.62
C VAL A 71 -24.42 -3.02 49.16
N ASP A 72 -24.63 -3.98 48.26
CA ASP A 72 -24.63 -3.70 46.83
C ASP A 72 -25.96 -3.98 46.13
N PRO A 73 -26.70 -2.93 45.76
CA PRO A 73 -27.99 -3.06 45.07
C PRO A 73 -27.67 -3.33 43.59
N LEU A 74 -27.46 -4.60 43.26
CA LEU A 74 -27.11 -4.98 41.89
C LEU A 74 -28.11 -4.40 40.90
N PRO A 75 -27.64 -4.01 39.69
CA PRO A 75 -28.46 -3.42 38.63
C PRO A 75 -29.43 -4.36 37.95
N SER A 76 -30.43 -3.77 37.31
CA SER A 76 -31.46 -4.51 36.61
C SER A 76 -30.90 -5.35 35.46
N GLY A 77 -31.28 -6.62 35.39
CA GLY A 77 -30.79 -7.47 34.32
C GLY A 77 -29.44 -8.11 34.59
N TYR A 78 -28.97 -7.99 35.82
CA TYR A 78 -27.70 -8.57 36.24
C TYR A 78 -28.04 -9.78 37.11
N GLN A 79 -27.75 -10.97 36.59
CA GLN A 79 -28.01 -12.21 37.31
C GLN A 79 -26.92 -12.55 38.35
N PHE A 80 -27.33 -12.59 39.62
CA PHE A 80 -26.44 -12.88 40.73
C PHE A 80 -26.05 -14.36 40.80
N ASN A 81 -24.76 -14.63 41.02
CA ASN A 81 -24.26 -16.01 41.13
C ASN A 81 -23.71 -16.24 42.55
N PRO A 82 -24.58 -16.61 43.51
CA PRO A 82 -24.23 -16.86 44.91
C PRO A 82 -22.96 -17.69 45.10
N GLU A 83 -22.90 -18.78 44.35
CA GLU A 83 -21.78 -19.70 44.38
C GLU A 83 -20.44 -19.02 44.10
N ALA A 84 -20.28 -18.50 42.89
CA ALA A 84 -19.02 -17.84 42.51
C ALA A 84 -18.60 -16.68 43.41
N THR A 85 -19.55 -15.83 43.82
CA THR A 85 -19.18 -14.69 44.66
C THR A 85 -18.70 -15.11 46.06
N LYS A 86 -19.29 -16.16 46.63
CA LYS A 86 -18.85 -16.63 47.95
C LYS A 86 -17.41 -17.12 47.79
N ALA A 87 -17.19 -17.91 46.74
CA ALA A 87 -15.87 -18.44 46.44
C ALA A 87 -14.88 -17.31 46.23
N ALA A 88 -15.31 -16.24 45.54
CA ALA A 88 -14.42 -15.13 45.26
C ALA A 88 -14.40 -14.07 46.36
N SER A 89 -15.10 -14.33 47.46
CA SER A 89 -15.15 -13.36 48.55
C SER A 89 -14.76 -13.93 49.92
N PRO A 90 -13.60 -14.58 50.00
CA PRO A 90 -13.17 -15.14 51.29
C PRO A 90 -13.08 -14.07 52.36
N GLY A 91 -13.45 -14.42 53.58
CA GLY A 91 -13.39 -13.46 54.67
C GLY A 91 -14.68 -12.71 54.87
N PHE A 92 -15.69 -13.03 54.08
CA PHE A 92 -16.97 -12.33 54.20
C PHE A 92 -18.15 -13.29 54.20
N ASP A 93 -19.16 -12.99 55.00
CA ASP A 93 -20.36 -13.81 55.00
C ASP A 93 -21.29 -13.17 53.98
N VAL A 94 -21.65 -13.94 52.95
CA VAL A 94 -22.50 -13.47 51.87
C VAL A 94 -23.99 -13.75 52.06
N THR A 95 -24.81 -12.70 52.04
CA THR A 95 -26.26 -12.87 52.15
C THR A 95 -26.93 -12.23 50.94
N TYR A 96 -28.07 -12.76 50.52
CA TYR A 96 -28.73 -12.22 49.34
C TYR A 96 -30.24 -12.06 49.43
N ASP A 97 -30.71 -10.88 49.07
CA ASP A 97 -32.14 -10.59 49.06
C ASP A 97 -32.62 -10.64 47.61
N ASN A 98 -33.02 -11.83 47.18
CA ASN A 98 -33.49 -12.05 45.81
C ASN A 98 -34.58 -11.07 45.40
N ALA A 99 -35.43 -10.72 46.36
CA ALA A 99 -36.54 -9.80 46.16
C ALA A 99 -36.13 -8.43 45.64
N THR A 100 -35.10 -7.84 46.23
CA THR A 100 -34.62 -6.52 45.81
C THR A 100 -33.30 -6.65 45.06
N ASN A 101 -32.97 -7.88 44.66
CA ASN A 101 -31.72 -8.17 43.96
C ASN A 101 -30.53 -7.44 44.59
N THR A 102 -30.48 -7.43 45.91
CA THR A 102 -29.39 -6.78 46.63
C THR A 102 -28.50 -7.82 47.34
N VAL A 103 -27.19 -7.63 47.30
CA VAL A 103 -26.31 -8.57 47.96
C VAL A 103 -25.59 -7.89 49.09
N THR A 104 -25.42 -8.61 50.20
CA THR A 104 -24.76 -8.06 51.36
C THR A 104 -23.56 -8.89 51.80
N PHE A 105 -22.47 -8.18 52.10
CA PHE A 105 -21.22 -8.78 52.55
C PHE A 105 -20.93 -8.26 53.96
N LYS A 106 -20.65 -9.18 54.87
CA LYS A 106 -20.31 -8.84 56.26
C LYS A 106 -19.00 -9.53 56.60
N ALA A 107 -18.00 -8.74 56.97
CA ALA A 107 -16.70 -9.28 57.34
C ALA A 107 -16.84 -10.25 58.51
N THR A 108 -16.28 -11.45 58.35
CA THR A 108 -16.33 -12.47 59.38
C THR A 108 -15.59 -12.06 60.67
N ALA A 109 -15.71 -12.89 61.71
CA ALA A 109 -15.03 -12.62 62.98
C ALA A 109 -13.52 -12.63 62.75
N ALA A 110 -13.05 -13.63 62.00
CA ALA A 110 -11.63 -13.73 61.69
C ALA A 110 -11.15 -12.44 61.02
N THR A 111 -11.89 -11.99 60.01
CA THR A 111 -11.53 -10.78 59.27
C THR A 111 -11.47 -9.54 60.16
N LEU A 112 -12.40 -9.42 61.10
CA LEU A 112 -12.38 -8.27 61.98
C LEU A 112 -11.13 -8.26 62.86
N ALA A 113 -10.82 -9.40 63.48
CA ALA A 113 -9.65 -9.48 64.34
C ALA A 113 -8.45 -8.81 63.65
N THR A 114 -8.31 -9.06 62.36
CA THR A 114 -7.22 -8.47 61.60
C THR A 114 -7.29 -6.94 61.58
N PHE A 115 -8.51 -6.41 61.52
CA PHE A 115 -8.69 -4.96 61.52
C PHE A 115 -8.35 -4.38 62.89
N ASN A 116 -8.28 -5.25 63.90
CA ASN A 116 -7.99 -4.78 65.26
C ASN A 116 -6.61 -5.22 65.77
N ALA A 117 -5.98 -6.17 65.10
CA ALA A 117 -4.66 -6.65 65.49
C ALA A 117 -3.81 -5.50 66.08
N ASP A 118 -3.87 -4.32 65.47
CA ASP A 118 -3.12 -3.15 65.95
C ASP A 118 -3.75 -1.82 65.52
N LEU A 119 -4.53 -1.22 66.42
CA LEU A 119 -5.20 0.06 66.13
C LEU A 119 -4.24 1.24 66.00
N THR A 120 -3.11 1.15 66.68
CA THR A 120 -2.11 2.21 66.67
C THR A 120 -1.52 2.43 65.29
N LYS A 121 -1.73 1.45 64.41
CA LYS A 121 -1.23 1.53 63.05
C LYS A 121 -2.43 1.53 62.09
N SER A 122 -2.19 1.89 60.83
CA SER A 122 -3.26 1.87 59.84
C SER A 122 -3.14 0.48 59.21
N VAL A 123 -4.27 -0.12 58.83
CA VAL A 123 -4.27 -1.45 58.23
C VAL A 123 -5.05 -1.48 56.92
N ALA A 124 -4.51 -2.19 55.93
CA ALA A 124 -5.16 -2.33 54.65
C ALA A 124 -6.33 -3.30 54.86
N THR A 125 -7.24 -3.38 53.90
CA THR A 125 -8.43 -4.21 54.04
C THR A 125 -8.57 -5.25 52.93
N ILE A 126 -9.49 -6.18 53.13
CA ILE A 126 -9.81 -7.20 52.14
C ILE A 126 -11.10 -6.74 51.49
N TYR A 127 -11.38 -7.21 50.29
CA TYR A 127 -12.61 -6.78 49.62
C TYR A 127 -13.42 -7.92 49.06
N PRO A 128 -14.75 -7.74 49.00
CA PRO A 128 -15.62 -8.79 48.46
C PRO A 128 -15.75 -8.58 46.94
N THR A 129 -16.14 -9.64 46.24
CA THR A 129 -16.30 -9.61 44.79
C THR A 129 -17.64 -10.24 44.38
N VAL A 130 -18.48 -9.46 43.71
CA VAL A 130 -19.78 -9.95 43.25
C VAL A 130 -19.59 -10.54 41.88
N VAL A 131 -20.00 -11.79 41.70
CA VAL A 131 -19.86 -12.44 40.40
C VAL A 131 -21.25 -12.69 39.83
N GLY A 132 -21.41 -12.39 38.55
CA GLY A 132 -22.68 -12.58 37.89
C GLY A 132 -22.60 -12.30 36.41
N GLN A 133 -23.74 -12.41 35.73
CA GLN A 133 -23.81 -12.17 34.30
C GLN A 133 -24.79 -11.06 33.88
N VAL A 134 -24.50 -10.43 32.76
CA VAL A 134 -25.37 -9.39 32.21
C VAL A 134 -26.19 -10.14 31.14
N LEU A 135 -27.50 -10.05 31.28
CA LEU A 135 -28.41 -10.78 30.40
C LEU A 135 -29.10 -10.10 29.23
N ASN A 136 -29.08 -8.77 29.16
CA ASN A 136 -29.80 -8.07 28.09
C ASN A 136 -28.97 -7.35 27.02
N ASP A 137 -29.54 -7.28 25.81
CA ASP A 137 -28.93 -6.59 24.67
C ASP A 137 -29.15 -5.09 24.81
N GLY A 138 -28.19 -4.30 24.34
CA GLY A 138 -28.30 -2.86 24.40
C GLY A 138 -28.74 -2.24 25.71
N ALA A 139 -28.14 -2.68 26.81
CA ALA A 139 -28.51 -2.13 28.11
C ALA A 139 -27.29 -1.60 28.86
N THR A 140 -27.54 -0.64 29.74
CA THR A 140 -26.48 -0.06 30.54
C THR A 140 -26.65 -0.61 31.95
N TYR A 141 -25.53 -1.03 32.54
CA TYR A 141 -25.53 -1.60 33.88
C TYR A 141 -24.70 -0.70 34.79
N LYS A 142 -25.38 0.09 35.61
CA LYS A 142 -24.72 1.01 36.52
C LYS A 142 -24.63 0.46 37.92
N ASN A 143 -23.52 0.75 38.59
CA ASN A 143 -23.35 0.22 39.93
C ASN A 143 -22.48 1.00 40.89
N ASN A 144 -22.91 0.92 42.15
CA ASN A 144 -22.29 1.53 43.31
C ASN A 144 -22.63 0.66 44.53
N PHE A 145 -21.91 0.84 45.64
CA PHE A 145 -22.19 0.06 46.84
C PHE A 145 -22.09 0.94 48.08
N THR A 146 -22.50 0.40 49.23
CA THR A 146 -22.44 1.17 50.46
C THR A 146 -21.66 0.44 51.53
N LEU A 147 -20.88 1.23 52.27
CA LEU A 147 -20.08 0.70 53.36
C LEU A 147 -20.55 1.29 54.66
N THR A 148 -20.87 0.43 55.61
CA THR A 148 -21.28 0.88 56.94
C THR A 148 -20.37 0.19 57.94
N VAL A 149 -19.74 1.00 58.79
CA VAL A 149 -18.82 0.50 59.81
C VAL A 149 -19.34 0.80 61.22
N ASN A 150 -19.46 -0.26 62.03
CA ASN A 150 -19.95 -0.12 63.41
C ASN A 150 -21.30 0.59 63.49
N ASP A 151 -22.17 0.35 62.51
CA ASP A 151 -23.51 0.96 62.46
C ASP A 151 -23.54 2.39 62.96
N ALA A 152 -22.49 3.15 62.64
CA ALA A 152 -22.41 4.53 63.10
C ALA A 152 -22.32 5.48 61.91
N TYR A 153 -21.65 5.02 60.86
CA TYR A 153 -21.49 5.86 59.66
C TYR A 153 -21.21 5.04 58.41
N GLY A 154 -21.63 5.57 57.28
CA GLY A 154 -21.41 4.88 56.03
C GLY A 154 -20.97 5.81 54.92
N ILE A 155 -20.55 5.21 53.81
CA ILE A 155 -20.12 5.96 52.64
C ILE A 155 -20.75 5.25 51.46
N LYS A 156 -21.30 6.03 50.53
CA LYS A 156 -21.87 5.46 49.32
C LYS A 156 -20.72 5.60 48.33
N SER A 157 -20.46 4.55 47.54
CA SER A 157 -19.35 4.60 46.60
C SER A 157 -19.66 5.24 45.26
N ASN A 158 -18.59 5.47 44.51
CA ASN A 158 -18.66 6.02 43.16
C ASN A 158 -19.44 5.00 42.33
N VAL A 159 -20.03 5.46 41.24
CA VAL A 159 -20.80 4.57 40.37
C VAL A 159 -19.95 4.19 39.17
N VAL A 160 -19.95 2.91 38.81
CA VAL A 160 -19.22 2.44 37.63
C VAL A 160 -20.27 1.91 36.65
N ARG A 161 -19.90 1.72 35.39
CA ARG A 161 -20.85 1.25 34.40
C ARG A 161 -20.24 0.46 33.25
N VAL A 162 -21.09 -0.26 32.51
CA VAL A 162 -20.69 -1.01 31.32
C VAL A 162 -21.94 -1.25 30.47
N THR A 163 -21.80 -1.17 29.16
CA THR A 163 -22.91 -1.37 28.23
C THR A 163 -22.72 -2.64 27.38
N THR A 164 -23.81 -3.16 26.83
CA THR A 164 -23.78 -4.33 25.95
C THR A 164 -24.16 -3.87 24.53
N PRO A 165 -23.72 -4.60 23.49
CA PRO A 165 -24.04 -4.21 22.13
C PRO A 165 -25.54 -4.22 21.83
N GLY A 166 -25.98 -3.32 20.95
CA GLY A 166 -27.39 -3.24 20.58
C GLY A 166 -28.08 -1.97 21.04
N LYS A 167 -27.29 -0.94 21.34
CA LYS A 167 -27.80 0.33 21.82
C LYS A 167 -27.25 1.52 21.02
N PRO A 168 -28.08 2.14 20.17
CA PRO A 168 -27.60 3.29 19.39
C PRO A 168 -27.44 4.52 20.30
N ASN A 169 -26.68 5.51 19.83
CA ASN A 169 -26.43 6.73 20.62
C ASN A 169 -25.90 6.41 22.01
N ASP A 170 -24.87 5.57 22.05
CA ASP A 170 -24.23 5.16 23.28
C ASP A 170 -23.03 6.10 23.43
N PRO A 171 -23.08 7.01 24.41
CA PRO A 171 -21.96 7.94 24.58
C PRO A 171 -20.63 7.29 24.93
N ASP A 172 -20.66 6.02 25.37
CA ASP A 172 -19.44 5.30 25.73
C ASP A 172 -18.85 4.50 24.54
N ASN A 173 -19.71 4.03 23.65
CA ASN A 173 -19.28 3.27 22.48
C ASN A 173 -20.00 3.87 21.27
N PRO A 174 -19.39 4.88 20.65
CA PRO A 174 -19.91 5.62 19.49
C PRO A 174 -20.38 4.77 18.33
N ASN A 175 -19.77 3.59 18.19
CA ASN A 175 -20.09 2.67 17.11
C ASN A 175 -21.24 1.74 17.42
N ASN A 176 -21.72 1.77 18.65
CA ASN A 176 -22.80 0.88 19.04
C ASN A 176 -24.13 1.23 18.36
N ASN A 177 -24.92 0.20 18.10
CA ASN A 177 -26.24 0.34 17.50
C ASN A 177 -26.86 -1.05 17.52
N TYR A 178 -28.05 -1.22 16.95
CA TYR A 178 -28.74 -2.50 16.96
C TYR A 178 -28.02 -3.64 16.29
N ILE A 179 -28.07 -4.84 16.87
CA ILE A 179 -27.46 -6.03 16.28
C ILE A 179 -28.52 -6.59 15.32
N LYS A 180 -28.34 -6.40 14.02
CA LYS A 180 -29.33 -6.90 13.09
C LYS A 180 -28.81 -7.36 11.74
N PRO A 181 -28.77 -8.68 11.52
CA PRO A 181 -28.28 -9.14 10.22
C PRO A 181 -29.37 -8.85 9.17
N THR A 182 -28.98 -8.71 7.91
CA THR A 182 -29.95 -8.43 6.86
C THR A 182 -29.69 -9.32 5.66
N LYS A 183 -30.75 -9.66 4.91
CA LYS A 183 -30.64 -10.50 3.75
C LYS A 183 -31.31 -9.80 2.59
N VAL A 184 -30.74 -9.95 1.40
CA VAL A 184 -31.31 -9.30 0.24
C VAL A 184 -31.08 -10.19 -0.96
N ASN A 185 -32.04 -10.19 -1.87
CA ASN A 185 -31.93 -11.01 -3.06
C ASN A 185 -31.69 -10.14 -4.28
N LYS A 186 -30.72 -10.51 -5.09
CA LYS A 186 -30.38 -9.74 -6.29
C LYS A 186 -30.20 -10.66 -7.48
N ASN A 187 -30.33 -10.11 -8.69
CA ASN A 187 -30.11 -10.92 -9.87
C ASN A 187 -28.63 -10.78 -10.23
N GLU A 188 -28.21 -11.42 -11.31
CA GLU A 188 -26.80 -11.38 -11.72
C GLU A 188 -26.23 -9.99 -11.94
N ASN A 189 -27.08 -9.06 -12.34
CA ASN A 189 -26.61 -7.70 -12.61
C ASN A 189 -26.67 -6.77 -11.41
N GLY A 190 -26.85 -7.32 -10.22
CA GLY A 190 -26.90 -6.46 -9.04
C GLY A 190 -28.25 -5.82 -8.71
N VAL A 191 -29.25 -6.03 -9.56
CA VAL A 191 -30.58 -5.48 -9.32
C VAL A 191 -31.24 -6.22 -8.15
N VAL A 192 -31.85 -5.47 -7.23
CA VAL A 192 -32.53 -6.06 -6.08
C VAL A 192 -33.87 -6.65 -6.54
N ILE A 193 -34.06 -7.95 -6.32
CA ILE A 193 -35.27 -8.61 -6.75
C ILE A 193 -36.21 -9.19 -5.67
N ASP A 194 -36.18 -8.62 -4.47
CA ASP A 194 -37.06 -9.08 -3.40
C ASP A 194 -38.53 -8.95 -3.80
N GLY A 195 -39.32 -9.97 -3.49
CA GLY A 195 -40.74 -9.96 -3.81
C GLY A 195 -41.12 -10.17 -5.27
N LYS A 196 -40.14 -10.18 -6.16
CA LYS A 196 -40.39 -10.36 -7.59
C LYS A 196 -40.60 -11.82 -8.01
N THR A 197 -41.01 -12.00 -9.26
CA THR A 197 -41.22 -13.32 -9.84
C THR A 197 -39.89 -13.77 -10.40
N VAL A 198 -39.53 -15.03 -10.12
CA VAL A 198 -38.27 -15.59 -10.58
C VAL A 198 -38.50 -16.85 -11.42
N LEU A 199 -38.14 -16.79 -12.69
CA LEU A 199 -38.29 -17.94 -13.59
C LEU A 199 -37.52 -19.15 -13.06
N ALA A 200 -38.07 -20.33 -13.31
CA ALA A 200 -37.44 -21.56 -12.87
C ALA A 200 -36.10 -21.69 -13.60
N GLY A 201 -35.09 -22.18 -12.89
CA GLY A 201 -33.77 -22.30 -13.50
C GLY A 201 -32.92 -21.07 -13.26
N SER A 202 -33.53 -19.97 -12.83
CA SER A 202 -32.78 -18.73 -12.57
C SER A 202 -32.01 -18.85 -11.27
N THR A 203 -31.09 -17.91 -11.03
CA THR A 203 -30.29 -17.94 -9.82
C THR A 203 -30.62 -16.78 -8.89
N ASN A 204 -30.65 -17.08 -7.59
CA ASN A 204 -30.91 -16.09 -6.55
C ASN A 204 -29.54 -15.76 -5.97
N TYR A 205 -29.05 -14.57 -6.26
CA TYR A 205 -27.74 -14.14 -5.76
C TYR A 205 -27.89 -13.45 -4.40
N TYR A 206 -28.18 -14.27 -3.39
CA TYR A 206 -28.44 -13.78 -2.04
C TYR A 206 -27.27 -13.11 -1.38
N GLU A 207 -27.53 -11.92 -0.82
CA GLU A 207 -26.49 -11.16 -0.16
C GLU A 207 -26.81 -11.04 1.33
N LEU A 208 -26.06 -11.78 2.15
CA LEU A 208 -26.25 -11.80 3.59
C LEU A 208 -25.23 -10.88 4.26
N THR A 209 -25.66 -10.15 5.28
CA THR A 209 -24.75 -9.24 5.98
C THR A 209 -24.53 -9.65 7.43
N TRP A 210 -23.28 -9.91 7.78
CA TRP A 210 -22.93 -10.26 9.15
C TRP A 210 -22.73 -8.90 9.82
N ASP A 211 -23.71 -8.50 10.62
CA ASP A 211 -23.69 -7.21 11.29
C ASP A 211 -22.78 -7.16 12.51
N LEU A 212 -21.55 -6.75 12.27
CA LEU A 212 -20.57 -6.71 13.34
C LEU A 212 -20.13 -5.33 13.83
N ASP A 213 -20.50 -4.27 13.14
CA ASP A 213 -20.07 -2.92 13.54
C ASP A 213 -20.28 -2.52 15.02
N GLN A 214 -21.36 -2.95 15.64
CA GLN A 214 -21.60 -2.58 17.04
C GLN A 214 -20.64 -3.23 18.03
N TYR A 215 -19.80 -4.14 17.57
CA TYR A 215 -18.90 -4.82 18.47
C TYR A 215 -17.56 -4.12 18.66
N LYS A 216 -17.33 -3.04 17.92
CA LYS A 216 -16.08 -2.30 17.99
C LYS A 216 -15.62 -1.96 19.40
N ASN A 217 -14.37 -2.31 19.70
CA ASN A 217 -13.73 -2.06 20.99
C ASN A 217 -14.34 -2.87 22.13
N ASP A 218 -14.93 -4.01 21.78
CA ASP A 218 -15.51 -4.91 22.78
C ASP A 218 -14.40 -5.44 23.67
N ARG A 219 -14.68 -5.55 24.97
CA ARG A 219 -13.69 -6.07 25.91
C ARG A 219 -14.17 -7.35 26.58
N SER A 220 -14.68 -8.28 25.79
CA SER A 220 -15.15 -9.54 26.34
C SER A 220 -13.97 -10.45 26.67
N SER A 221 -14.20 -11.38 27.59
CA SER A 221 -13.17 -12.31 28.03
C SER A 221 -12.99 -13.49 27.07
N ALA A 222 -11.97 -14.30 27.33
CA ALA A 222 -11.67 -15.45 26.49
C ALA A 222 -12.82 -16.44 26.40
N ASP A 223 -13.38 -16.86 27.53
CA ASP A 223 -14.48 -17.80 27.50
C ASP A 223 -15.58 -17.34 26.56
N THR A 224 -15.87 -16.04 26.62
CA THR A 224 -16.92 -15.43 25.80
C THR A 224 -16.59 -15.46 24.32
N ILE A 225 -15.37 -15.12 23.97
CA ILE A 225 -14.97 -15.13 22.58
C ILE A 225 -14.91 -16.55 21.98
N GLN A 226 -14.77 -17.56 22.83
CA GLN A 226 -14.69 -18.96 22.36
C GLN A 226 -16.04 -19.65 22.12
N LYS A 227 -17.14 -18.97 22.45
CA LYS A 227 -18.47 -19.50 22.21
C LYS A 227 -18.69 -19.48 20.70
N GLY A 228 -17.68 -18.97 20.01
CA GLY A 228 -17.68 -18.91 18.55
C GLY A 228 -18.48 -17.87 17.80
N PHE A 229 -18.35 -17.93 16.48
CA PHE A 229 -19.01 -17.02 15.56
C PHE A 229 -19.55 -17.82 14.38
N TYR A 230 -20.86 -17.78 14.18
CA TYR A 230 -21.50 -18.49 13.07
C TYR A 230 -22.54 -17.66 12.32
N TYR A 231 -22.81 -18.09 11.10
CA TYR A 231 -23.82 -17.44 10.28
C TYR A 231 -24.60 -18.56 9.63
N VAL A 232 -25.92 -18.55 9.82
CA VAL A 232 -26.79 -19.58 9.25
C VAL A 232 -27.72 -19.00 8.19
N ASP A 233 -28.00 -19.78 7.17
CA ASP A 233 -28.92 -19.37 6.13
C ASP A 233 -29.93 -20.50 5.99
N ASP A 234 -31.16 -20.21 6.41
CA ASP A 234 -32.26 -21.16 6.38
C ASP A 234 -32.86 -20.96 4.99
N TYR A 235 -32.45 -21.79 4.05
CA TYR A 235 -32.91 -21.64 2.68
C TYR A 235 -34.01 -22.64 2.30
N PRO A 236 -34.92 -22.24 1.38
CA PRO A 236 -36.00 -23.13 0.95
C PRO A 236 -35.46 -24.29 0.11
N GLU A 237 -35.14 -25.39 0.78
CA GLU A 237 -34.59 -26.59 0.13
C GLU A 237 -35.57 -27.28 -0.82
N GLU A 238 -36.86 -26.95 -0.72
CA GLU A 238 -37.84 -27.57 -1.60
C GLU A 238 -37.89 -26.86 -2.95
N ALA A 239 -37.53 -25.57 -2.96
CA ALA A 239 -37.55 -24.78 -4.18
C ALA A 239 -36.16 -24.48 -4.74
N LEU A 240 -35.17 -24.38 -3.87
CA LEU A 240 -33.82 -24.06 -4.34
C LEU A 240 -32.76 -25.09 -3.99
N GLU A 241 -31.72 -25.14 -4.82
CA GLU A 241 -30.60 -26.02 -4.57
C GLU A 241 -29.39 -25.07 -4.53
N LEU A 242 -28.51 -25.32 -3.59
CA LEU A 242 -27.33 -24.49 -3.40
C LEU A 242 -26.29 -24.64 -4.51
N ARG A 243 -25.49 -23.60 -4.68
CA ARG A 243 -24.41 -23.57 -5.66
C ARG A 243 -23.24 -23.11 -4.81
N GLN A 244 -22.93 -23.91 -3.81
CA GLN A 244 -21.88 -23.57 -2.85
C GLN A 244 -20.52 -23.27 -3.43
N ASP A 245 -20.35 -23.57 -4.72
CA ASP A 245 -19.09 -23.29 -5.41
C ASP A 245 -18.99 -21.78 -5.70
N LEU A 246 -20.15 -21.13 -5.77
CA LEU A 246 -20.24 -19.69 -6.03
C LEU A 246 -20.20 -18.88 -4.74
N VAL A 247 -20.28 -19.56 -3.60
CA VAL A 247 -20.26 -18.84 -2.32
C VAL A 247 -19.04 -17.95 -2.29
N LYS A 248 -19.22 -16.74 -1.79
CA LYS A 248 -18.14 -15.79 -1.74
C LYS A 248 -18.26 -14.98 -0.46
N ILE A 249 -17.17 -14.81 0.26
CA ILE A 249 -17.24 -14.05 1.50
C ILE A 249 -16.23 -12.90 1.53
N THR A 250 -16.72 -11.68 1.73
CA THR A 250 -15.85 -10.51 1.76
C THR A 250 -16.23 -9.59 2.91
N ASP A 251 -15.29 -8.80 3.39
CA ASP A 251 -15.57 -7.89 4.49
C ASP A 251 -15.93 -6.49 4.00
N ALA A 252 -16.22 -5.60 4.94
CA ALA A 252 -16.62 -4.24 4.63
C ALA A 252 -15.58 -3.46 3.83
N ASN A 253 -14.32 -3.88 3.93
CA ASN A 253 -13.23 -3.22 3.21
C ASN A 253 -12.99 -3.82 1.83
N GLY A 254 -13.84 -4.74 1.42
CA GLY A 254 -13.71 -5.35 0.10
C GLY A 254 -12.70 -6.47 -0.05
N ASN A 255 -12.08 -6.88 1.04
CA ASN A 255 -11.08 -7.93 0.99
C ASN A 255 -11.69 -9.31 1.21
N GLU A 256 -11.08 -10.34 0.63
CA GLU A 256 -11.59 -11.70 0.80
C GLU A 256 -11.37 -12.15 2.23
N VAL A 257 -12.28 -12.99 2.71
CA VAL A 257 -12.23 -13.53 4.05
C VAL A 257 -11.83 -14.99 3.87
N THR A 258 -10.82 -15.43 4.61
CA THR A 258 -10.37 -16.81 4.45
C THR A 258 -10.63 -17.72 5.65
N GLY A 259 -10.85 -17.13 6.82
CA GLY A 259 -11.07 -17.95 7.99
C GLY A 259 -12.45 -18.52 8.24
N VAL A 260 -13.31 -18.53 7.22
CA VAL A 260 -14.67 -19.05 7.41
C VAL A 260 -15.02 -20.25 6.54
N SER A 261 -15.31 -21.37 7.17
CA SER A 261 -15.68 -22.55 6.41
C SER A 261 -17.20 -22.63 6.37
N VAL A 262 -17.73 -23.25 5.33
CA VAL A 262 -19.17 -23.37 5.16
C VAL A 262 -19.60 -24.79 4.80
N ASP A 263 -20.73 -25.21 5.37
CA ASP A 263 -21.29 -26.53 5.10
C ASP A 263 -22.82 -26.44 5.15
N ASN A 264 -23.51 -27.50 4.73
CA ASN A 264 -24.96 -27.52 4.80
C ASN A 264 -25.47 -28.88 5.24
N TYR A 265 -26.61 -28.87 5.93
CA TYR A 265 -27.22 -30.09 6.45
C TYR A 265 -28.70 -30.09 6.09
N THR A 266 -29.27 -31.27 5.86
CA THR A 266 -30.68 -31.32 5.49
C THR A 266 -31.66 -31.10 6.65
N ASN A 267 -31.17 -31.24 7.88
CA ASN A 267 -32.02 -31.03 9.06
C ASN A 267 -31.20 -31.18 10.32
N LEU A 268 -31.57 -30.41 11.35
CA LEU A 268 -30.84 -30.40 12.61
C LEU A 268 -30.24 -31.76 13.01
N GLU A 269 -31.11 -32.76 13.21
CA GLU A 269 -30.66 -34.11 13.61
C GLU A 269 -29.49 -34.62 12.77
N ALA A 270 -29.53 -34.37 11.47
CA ALA A 270 -28.47 -34.81 10.57
C ALA A 270 -27.26 -33.89 10.63
N ALA A 271 -27.09 -33.18 11.75
CA ALA A 271 -25.97 -32.25 11.87
C ALA A 271 -25.02 -32.53 13.03
N PRO A 272 -23.74 -32.20 12.87
CA PRO A 272 -22.72 -32.42 13.91
C PRO A 272 -23.25 -31.97 15.27
N GLN A 273 -23.16 -32.85 16.27
CA GLN A 273 -23.64 -32.52 17.61
C GLN A 273 -23.22 -31.11 18.02
N GLU A 274 -22.02 -30.69 17.61
CA GLU A 274 -21.55 -29.36 17.96
C GLU A 274 -22.53 -28.30 17.43
N ILE A 275 -22.91 -28.42 16.16
CA ILE A 275 -23.84 -27.48 15.55
C ILE A 275 -25.19 -27.47 16.24
N ARG A 276 -25.73 -28.65 16.57
CA ARG A 276 -27.02 -28.70 17.26
C ARG A 276 -26.97 -27.91 18.55
N ASP A 277 -25.85 -28.00 19.26
CA ASP A 277 -25.71 -27.32 20.54
C ASP A 277 -25.66 -25.82 20.39
N VAL A 278 -24.95 -25.34 19.36
CA VAL A 278 -24.85 -23.90 19.13
C VAL A 278 -26.21 -23.35 18.73
N LEU A 279 -26.84 -23.96 17.73
CA LEU A 279 -28.13 -23.52 17.29
C LEU A 279 -29.14 -23.60 18.43
N SER A 280 -28.95 -24.55 19.32
CA SER A 280 -29.87 -24.72 20.44
C SER A 280 -29.76 -23.61 21.50
N LYS A 281 -28.53 -23.22 21.81
CA LYS A 281 -28.31 -22.20 22.82
C LYS A 281 -28.63 -20.80 22.27
N ALA A 282 -28.72 -20.70 20.95
CA ALA A 282 -29.02 -19.42 20.32
C ALA A 282 -30.53 -19.27 20.14
N GLY A 283 -31.25 -20.37 20.34
CA GLY A 283 -32.69 -20.34 20.19
C GLY A 283 -33.07 -20.27 18.72
N ILE A 284 -32.21 -20.85 17.89
CA ILE A 284 -32.44 -20.87 16.45
C ILE A 284 -32.82 -22.28 16.01
N ARG A 285 -33.96 -22.39 15.34
CA ARG A 285 -34.44 -23.67 14.88
C ARG A 285 -34.85 -23.60 13.41
N PRO A 286 -33.96 -24.04 12.51
CA PRO A 286 -34.24 -24.02 11.08
C PRO A 286 -35.48 -24.82 10.69
N LYS A 287 -36.04 -24.48 9.53
CA LYS A 287 -37.20 -25.18 8.99
C LYS A 287 -36.59 -26.11 7.98
N GLY A 288 -36.05 -27.24 8.45
CA GLY A 288 -35.44 -28.18 7.54
C GLY A 288 -33.96 -27.96 7.30
N ALA A 289 -33.55 -28.09 6.03
CA ALA A 289 -32.16 -27.94 5.64
C ALA A 289 -31.65 -26.51 5.80
N PHE A 290 -30.35 -26.34 5.97
CA PHE A 290 -29.82 -24.99 6.13
C PHE A 290 -28.33 -24.95 5.84
N GLN A 291 -27.85 -23.75 5.53
CA GLN A 291 -26.44 -23.53 5.24
C GLN A 291 -25.83 -22.84 6.47
N ILE A 292 -24.69 -23.30 6.95
CA ILE A 292 -24.08 -22.68 8.12
C ILE A 292 -22.63 -22.31 7.85
N PHE A 293 -22.24 -21.14 8.34
CA PHE A 293 -20.87 -20.63 8.18
C PHE A 293 -20.22 -20.62 9.54
N ARG A 294 -18.96 -21.02 9.58
CA ARG A 294 -18.23 -21.13 10.82
C ARG A 294 -16.91 -20.39 10.79
N ALA A 295 -16.56 -19.75 11.91
CA ALA A 295 -15.28 -19.07 12.01
C ALA A 295 -14.36 -20.16 12.54
N ASP A 296 -13.36 -20.52 11.75
CA ASP A 296 -12.43 -21.59 12.13
C ASP A 296 -11.60 -21.27 13.38
N ASN A 297 -11.11 -20.03 13.45
CA ASN A 297 -10.30 -19.60 14.57
C ASN A 297 -11.02 -18.46 15.26
N PRO A 298 -11.86 -18.81 16.25
CA PRO A 298 -12.63 -17.83 17.01
C PRO A 298 -11.87 -16.57 17.38
N ARG A 299 -10.63 -16.74 17.81
CA ARG A 299 -9.81 -15.61 18.21
C ARG A 299 -9.38 -14.74 17.05
N GLU A 300 -8.90 -15.38 15.98
CA GLU A 300 -8.44 -14.62 14.81
C GLU A 300 -9.59 -13.80 14.24
N PHE A 301 -10.76 -14.44 14.17
CA PHE A 301 -11.96 -13.82 13.65
C PHE A 301 -12.32 -12.63 14.53
N TYR A 302 -12.19 -12.83 15.84
CA TYR A 302 -12.51 -11.80 16.79
C TYR A 302 -11.64 -10.56 16.67
N ASP A 303 -10.32 -10.75 16.59
CA ASP A 303 -9.40 -9.63 16.47
C ASP A 303 -9.41 -8.99 15.10
N THR A 304 -9.81 -9.74 14.09
CA THR A 304 -9.84 -9.23 12.72
C THR A 304 -11.13 -8.53 12.32
N TYR A 305 -12.28 -9.11 12.66
CA TYR A 305 -13.57 -8.52 12.28
C TYR A 305 -14.52 -8.03 13.39
N VAL A 306 -14.59 -8.77 14.49
CA VAL A 306 -15.52 -8.41 15.56
C VAL A 306 -15.19 -7.16 16.38
N LYS A 307 -14.04 -7.12 17.05
CA LYS A 307 -13.69 -5.95 17.85
C LYS A 307 -13.27 -4.77 16.98
N THR A 308 -13.14 -5.00 15.68
CA THR A 308 -12.77 -3.95 14.74
C THR A 308 -14.02 -3.37 14.04
N GLY A 309 -15.18 -3.98 14.32
CA GLY A 309 -16.44 -3.55 13.76
C GLY A 309 -16.58 -3.63 12.27
N ILE A 310 -15.84 -4.56 11.65
CA ILE A 310 -15.90 -4.70 10.21
C ILE A 310 -16.95 -5.73 9.77
N ASP A 311 -18.00 -5.24 9.12
CA ASP A 311 -19.08 -6.11 8.63
C ASP A 311 -18.60 -7.10 7.58
N LEU A 312 -19.20 -8.28 7.55
CA LEU A 312 -18.87 -9.29 6.54
C LEU A 312 -20.01 -9.38 5.54
N LYS A 313 -19.70 -9.77 4.30
CA LYS A 313 -20.72 -9.93 3.28
C LYS A 313 -20.61 -11.33 2.71
N ILE A 314 -21.70 -12.08 2.81
CA ILE A 314 -21.71 -13.43 2.27
C ILE A 314 -22.64 -13.46 1.06
N VAL A 315 -22.15 -14.01 -0.04
CA VAL A 315 -22.94 -14.15 -1.26
C VAL A 315 -23.13 -15.65 -1.44
N SER A 316 -24.37 -16.11 -1.33
CA SER A 316 -24.67 -17.53 -1.47
C SER A 316 -25.73 -17.75 -2.57
N PRO A 317 -25.29 -17.98 -3.82
CA PRO A 317 -26.18 -18.20 -4.96
C PRO A 317 -26.99 -19.47 -4.80
N MET A 318 -28.24 -19.44 -5.25
CA MET A 318 -29.12 -20.60 -5.15
C MET A 318 -30.04 -20.63 -6.37
N VAL A 319 -30.09 -21.76 -7.06
CA VAL A 319 -30.90 -21.88 -8.25
C VAL A 319 -32.28 -22.48 -8.02
N VAL A 320 -33.27 -21.94 -8.73
CA VAL A 320 -34.65 -22.42 -8.63
C VAL A 320 -34.76 -23.73 -9.42
N LYS A 321 -35.08 -24.82 -8.73
CA LYS A 321 -35.22 -26.13 -9.35
C LYS A 321 -36.18 -26.05 -10.52
N LYS A 322 -35.96 -26.91 -11.51
CA LYS A 322 -36.80 -26.90 -12.69
C LYS A 322 -38.24 -27.28 -12.40
N GLN A 323 -38.48 -28.13 -11.40
CA GLN A 323 -39.84 -28.52 -11.07
C GLN A 323 -40.71 -27.35 -10.56
N MET A 324 -40.08 -26.30 -10.06
CA MET A 324 -40.86 -25.16 -9.57
C MET A 324 -41.62 -24.50 -10.72
N GLY A 325 -41.08 -24.60 -11.93
CA GLY A 325 -41.73 -24.01 -13.10
C GLY A 325 -42.96 -24.77 -13.55
N GLN A 326 -43.11 -25.99 -13.06
CA GLN A 326 -44.26 -26.82 -13.40
C GLN A 326 -45.38 -26.53 -12.43
N THR A 327 -45.04 -26.42 -11.16
CA THR A 327 -46.03 -26.18 -10.13
C THR A 327 -46.26 -24.72 -9.81
N GLY A 328 -45.19 -23.93 -9.83
CA GLY A 328 -45.30 -22.53 -9.48
C GLY A 328 -45.16 -22.51 -7.96
N GLY A 329 -45.29 -21.37 -7.31
CA GLY A 329 -45.16 -21.38 -5.86
C GLY A 329 -44.25 -20.32 -5.26
N SER A 330 -44.36 -20.19 -3.94
CA SER A 330 -43.60 -19.24 -3.18
C SER A 330 -42.49 -19.86 -2.39
N TYR A 331 -41.39 -19.14 -2.23
CA TYR A 331 -40.28 -19.62 -1.40
C TYR A 331 -39.68 -18.43 -0.66
N GLU A 332 -39.38 -18.57 0.63
CA GLU A 332 -38.84 -17.45 1.37
C GLU A 332 -37.49 -17.81 1.96
N ASN A 333 -36.70 -16.77 2.21
CA ASN A 333 -35.35 -16.89 2.74
C ASN A 333 -35.10 -15.95 3.92
N GLN A 334 -34.42 -16.51 4.91
CA GLN A 334 -34.03 -15.86 6.14
C GLN A 334 -32.67 -16.36 6.68
N ALA A 335 -31.93 -15.44 7.30
CA ALA A 335 -30.64 -15.76 7.86
C ALA A 335 -30.56 -15.46 9.36
N TYR A 336 -29.48 -15.93 9.96
CA TYR A 336 -29.24 -15.69 11.38
C TYR A 336 -27.74 -15.49 11.55
N GLN A 337 -27.35 -14.87 12.66
CA GLN A 337 -25.94 -14.72 12.94
C GLN A 337 -25.81 -15.01 14.42
N ILE A 338 -24.83 -15.82 14.78
CA ILE A 338 -24.60 -16.19 16.16
C ILE A 338 -23.26 -15.64 16.63
N ASP A 339 -23.30 -14.63 17.50
CA ASP A 339 -22.09 -14.04 18.03
C ASP A 339 -21.99 -14.31 19.51
N PHE A 340 -20.82 -14.75 19.95
CA PHE A 340 -20.58 -15.06 21.36
C PHE A 340 -21.66 -15.98 21.89
N GLY A 341 -22.18 -16.84 21.04
CA GLY A 341 -23.19 -17.77 21.47
C GLY A 341 -24.62 -17.26 21.44
N ASN A 342 -24.81 -15.98 21.08
CA ASN A 342 -26.13 -15.37 21.00
C ASN A 342 -26.63 -15.32 19.55
N GLY A 343 -27.90 -15.67 19.34
CA GLY A 343 -28.44 -15.65 17.99
C GLY A 343 -29.35 -14.48 17.64
N TYR A 344 -29.30 -14.06 16.39
CA TYR A 344 -30.13 -12.97 15.91
C TYR A 344 -30.63 -13.29 14.51
N ALA A 345 -31.91 -13.06 14.27
CA ALA A 345 -32.50 -13.36 12.98
C ALA A 345 -32.59 -12.15 12.09
N SER A 346 -32.52 -12.39 10.79
CA SER A 346 -32.61 -11.32 9.81
C SER A 346 -34.05 -11.25 9.26
N ASN A 347 -34.27 -10.30 8.36
CA ASN A 347 -35.55 -10.12 7.70
C ASN A 347 -35.77 -11.30 6.78
N ILE A 348 -37.01 -11.49 6.35
CA ILE A 348 -37.33 -12.59 5.46
C ILE A 348 -37.57 -12.07 4.04
N VAL A 349 -36.94 -12.70 3.07
CA VAL A 349 -37.12 -12.30 1.68
C VAL A 349 -37.90 -13.36 0.91
N ILE A 350 -38.97 -12.93 0.24
CA ILE A 350 -39.84 -13.83 -0.50
C ILE A 350 -39.82 -13.64 -2.01
N ASN A 351 -40.00 -14.73 -2.74
CA ASN A 351 -40.06 -14.70 -4.19
C ASN A 351 -41.04 -15.78 -4.63
N ASN A 352 -41.57 -15.66 -5.83
CA ASN A 352 -42.50 -16.69 -6.27
C ASN A 352 -42.11 -17.12 -7.67
N VAL A 353 -42.36 -18.38 -7.98
CA VAL A 353 -42.02 -18.91 -9.28
C VAL A 353 -43.28 -19.03 -10.14
N PRO A 354 -43.19 -18.56 -11.39
CA PRO A 354 -44.31 -18.60 -12.33
C PRO A 354 -44.47 -19.99 -12.91
N LYS A 355 -45.71 -20.43 -13.00
CA LYS A 355 -46.03 -21.74 -13.55
C LYS A 355 -46.12 -21.56 -15.07
N ILE A 356 -45.08 -21.93 -15.81
CA ILE A 356 -45.09 -21.79 -17.27
C ILE A 356 -45.94 -22.91 -17.86
N ASN A 357 -47.04 -22.52 -18.49
CA ASN A 357 -47.99 -23.47 -19.04
C ASN A 357 -48.21 -23.38 -20.55
N PRO A 358 -47.46 -24.17 -21.35
CA PRO A 358 -47.65 -24.11 -22.79
C PRO A 358 -48.97 -24.79 -23.19
N LYS A 359 -49.50 -24.45 -24.35
CA LYS A 359 -50.77 -25.03 -24.84
C LYS A 359 -50.82 -25.23 -26.37
N LYS A 360 -51.30 -26.37 -26.90
CA LYS A 360 -51.48 -26.30 -28.35
C LYS A 360 -52.92 -26.59 -28.75
N ASP A 361 -53.32 -25.87 -29.81
CA ASP A 361 -54.62 -25.96 -30.46
C ASP A 361 -54.44 -26.21 -31.98
N VAL A 362 -55.50 -26.67 -32.63
CA VAL A 362 -55.49 -26.93 -34.07
C VAL A 362 -56.51 -25.99 -34.71
N THR A 363 -56.04 -25.16 -35.63
CA THR A 363 -56.90 -24.19 -36.29
C THR A 363 -56.82 -24.19 -37.82
N LEU A 364 -57.90 -23.75 -38.47
CA LEU A 364 -57.92 -23.67 -39.92
C LEU A 364 -57.46 -22.29 -40.40
N THR A 365 -57.50 -21.31 -39.50
CA THR A 365 -57.09 -19.93 -39.81
C THR A 365 -55.67 -19.63 -39.32
N LEU A 366 -55.14 -18.51 -39.79
CA LEU A 366 -53.81 -18.09 -39.39
C LEU A 366 -53.94 -16.64 -38.93
N ASP A 367 -54.97 -16.37 -38.13
CA ASP A 367 -55.23 -15.04 -37.64
C ASP A 367 -55.39 -15.04 -36.13
N PRO A 368 -54.46 -14.37 -35.41
CA PRO A 368 -54.48 -14.28 -33.94
C PRO A 368 -55.86 -13.91 -33.42
N ALA A 369 -56.59 -13.17 -34.23
CA ALA A 369 -57.93 -12.70 -33.89
C ALA A 369 -58.91 -13.85 -33.72
N ASP A 370 -58.91 -14.75 -34.68
CA ASP A 370 -59.82 -15.89 -34.66
C ASP A 370 -59.59 -16.78 -33.46
N THR A 371 -60.67 -17.09 -32.76
CA THR A 371 -60.59 -17.94 -31.58
C THR A 371 -61.10 -19.33 -31.91
N ASN A 372 -61.71 -19.44 -33.09
CA ASN A 372 -62.24 -20.72 -33.56
C ASN A 372 -61.06 -21.67 -33.81
N ASN A 373 -61.27 -22.94 -33.48
CA ASN A 373 -60.27 -23.95 -33.74
C ASN A 373 -61.04 -25.21 -34.12
N VAL A 374 -60.32 -26.27 -34.49
CA VAL A 374 -60.99 -27.50 -34.85
C VAL A 374 -60.48 -28.62 -33.97
N ASP A 375 -60.09 -28.28 -32.75
CA ASP A 375 -59.58 -29.26 -31.79
C ASP A 375 -60.47 -30.51 -31.73
N GLY A 376 -59.86 -31.67 -31.88
CA GLY A 376 -60.61 -32.91 -31.82
C GLY A 376 -61.52 -33.18 -33.00
N GLN A 377 -61.40 -32.39 -34.06
CA GLN A 377 -62.25 -32.59 -35.23
C GLN A 377 -61.45 -33.30 -36.31
N THR A 378 -62.08 -34.30 -36.94
CA THR A 378 -61.42 -35.05 -37.99
C THR A 378 -61.22 -34.18 -39.23
N ILE A 379 -59.96 -34.01 -39.60
CA ILE A 379 -59.54 -33.20 -40.74
C ILE A 379 -59.48 -34.01 -42.04
N PRO A 380 -60.07 -33.48 -43.13
CA PRO A 380 -60.08 -34.15 -44.44
C PRO A 380 -58.68 -34.28 -45.01
N LEU A 381 -58.46 -35.27 -45.87
CA LEU A 381 -57.16 -35.46 -46.49
C LEU A 381 -56.80 -34.22 -47.31
N ASN A 382 -55.51 -33.88 -47.35
CA ASN A 382 -55.03 -32.73 -48.11
C ASN A 382 -55.47 -31.39 -47.57
N THR A 383 -55.92 -31.38 -46.33
CA THR A 383 -56.35 -30.11 -45.75
C THR A 383 -55.11 -29.39 -45.23
N VAL A 384 -54.99 -28.11 -45.56
CA VAL A 384 -53.86 -27.32 -45.05
C VAL A 384 -54.42 -26.67 -43.79
N PHE A 385 -53.82 -26.97 -42.64
CA PHE A 385 -54.26 -26.40 -41.37
C PHE A 385 -53.08 -25.80 -40.61
N ASN A 386 -53.34 -25.44 -39.36
CA ASN A 386 -52.32 -24.84 -38.52
C ASN A 386 -52.31 -25.36 -37.10
N TYR A 387 -51.13 -25.58 -36.56
CA TYR A 387 -50.98 -25.97 -35.17
C TYR A 387 -50.70 -24.64 -34.50
N ARG A 388 -51.56 -24.27 -33.57
CA ARG A 388 -51.36 -23.01 -32.87
C ARG A 388 -50.57 -23.29 -31.59
N LEU A 389 -49.29 -22.96 -31.60
CA LEU A 389 -48.42 -23.21 -30.45
C LEU A 389 -48.29 -21.98 -29.54
N ILE A 390 -49.11 -21.94 -28.49
CA ILE A 390 -49.12 -20.84 -27.54
C ILE A 390 -48.02 -21.04 -26.51
N GLY A 391 -47.13 -20.05 -26.40
CA GLY A 391 -46.04 -20.15 -25.44
C GLY A 391 -46.43 -19.79 -24.03
N GLY A 392 -45.60 -20.19 -23.06
CA GLY A 392 -45.88 -19.89 -21.68
C GLY A 392 -45.78 -18.40 -21.37
N ILE A 393 -46.52 -17.95 -20.38
CA ILE A 393 -46.51 -16.54 -19.99
C ILE A 393 -45.44 -16.23 -18.94
N ILE A 394 -44.65 -15.21 -19.23
CA ILE A 394 -43.63 -14.78 -18.29
C ILE A 394 -44.28 -13.53 -17.72
N PRO A 395 -44.75 -13.62 -16.46
CA PRO A 395 -45.42 -12.50 -15.79
C PRO A 395 -44.62 -11.20 -15.69
N ALA A 396 -45.31 -10.09 -15.53
CA ALA A 396 -44.63 -8.80 -15.40
C ALA A 396 -43.85 -8.77 -14.09
N ASN A 397 -42.90 -7.86 -14.00
CA ASN A 397 -42.12 -7.72 -12.79
C ASN A 397 -41.27 -8.97 -12.50
N HIS A 398 -40.60 -9.51 -13.51
CA HIS A 398 -39.74 -10.67 -13.26
C HIS A 398 -38.31 -10.23 -12.95
N SER A 399 -37.44 -11.18 -12.61
CA SER A 399 -36.08 -10.89 -12.18
C SER A 399 -34.89 -10.97 -13.13
N GLU A 400 -34.97 -11.79 -14.16
CA GLU A 400 -33.86 -11.91 -15.08
C GLU A 400 -34.31 -11.57 -16.48
N GLU A 401 -33.36 -11.46 -17.40
CA GLU A 401 -33.70 -11.16 -18.78
C GLU A 401 -34.10 -12.44 -19.49
N LEU A 402 -34.77 -12.28 -20.62
CA LEU A 402 -35.16 -13.41 -21.45
C LEU A 402 -34.04 -13.66 -22.44
N PHE A 403 -33.47 -14.86 -22.46
CA PHE A 403 -32.42 -15.10 -23.42
C PHE A 403 -32.78 -16.24 -24.36
N LYS A 404 -33.79 -17.01 -23.99
CA LYS A 404 -34.24 -18.12 -24.83
C LYS A 404 -35.75 -18.33 -24.72
N TYR A 405 -36.42 -18.39 -25.86
CA TYR A 405 -37.87 -18.61 -25.91
C TYR A 405 -38.16 -19.39 -27.19
N ASN A 406 -38.17 -20.72 -27.09
CA ASN A 406 -38.38 -21.58 -28.25
C ASN A 406 -39.63 -22.46 -28.25
N PHE A 407 -40.15 -22.69 -29.45
CA PHE A 407 -41.30 -23.55 -29.63
C PHE A 407 -40.75 -24.78 -30.37
N TYR A 408 -40.94 -25.96 -29.79
CA TYR A 408 -40.48 -27.19 -30.42
C TYR A 408 -41.65 -28.12 -30.68
N ASP A 409 -41.83 -28.53 -31.94
CA ASP A 409 -42.91 -29.45 -32.28
C ASP A 409 -42.43 -30.70 -33.00
N ASP A 410 -42.79 -31.84 -32.41
CA ASP A 410 -42.46 -33.17 -32.89
C ASP A 410 -43.77 -33.80 -33.41
N TYR A 411 -44.17 -33.44 -34.62
CA TYR A 411 -45.42 -33.96 -35.19
C TYR A 411 -45.27 -35.39 -35.69
N ASP A 412 -46.37 -36.06 -36.04
CA ASP A 412 -46.29 -37.43 -36.54
C ASP A 412 -46.19 -37.41 -38.07
N GLN A 413 -44.98 -37.52 -38.61
CA GLN A 413 -44.75 -37.49 -40.05
C GLN A 413 -45.64 -38.46 -40.84
N THR A 414 -46.20 -39.45 -40.15
CA THR A 414 -47.07 -40.43 -40.81
C THR A 414 -48.41 -39.76 -41.17
N GLY A 415 -48.83 -38.81 -40.34
CA GLY A 415 -50.07 -38.09 -40.59
C GLY A 415 -49.88 -36.67 -41.10
N ASP A 416 -48.89 -35.95 -40.57
CA ASP A 416 -48.68 -34.55 -40.98
C ASP A 416 -47.34 -34.26 -41.67
N HIS A 417 -47.42 -33.42 -42.70
CA HIS A 417 -46.27 -33.02 -43.48
C HIS A 417 -46.10 -31.51 -43.28
N TYR A 418 -44.99 -31.08 -42.67
CA TYR A 418 -44.75 -29.65 -42.46
C TYR A 418 -44.73 -28.94 -43.81
N THR A 419 -45.61 -27.95 -43.92
CA THR A 419 -45.79 -27.15 -45.13
C THR A 419 -44.62 -26.24 -45.47
N GLY A 420 -43.83 -25.85 -44.47
CA GLY A 420 -42.70 -24.98 -44.76
C GLY A 420 -42.91 -23.53 -44.39
N GLN A 421 -44.13 -23.17 -43.99
CA GLN A 421 -44.43 -21.80 -43.58
C GLN A 421 -44.83 -21.71 -42.10
N TYR A 422 -44.66 -20.53 -41.50
CA TYR A 422 -45.02 -20.34 -40.11
C TYR A 422 -44.94 -18.86 -39.76
N LYS A 423 -45.77 -18.43 -38.79
CA LYS A 423 -45.78 -17.05 -38.33
C LYS A 423 -45.77 -17.01 -36.79
N VAL A 424 -45.34 -15.90 -36.21
CA VAL A 424 -45.29 -15.74 -34.76
C VAL A 424 -45.92 -14.42 -34.36
N PHE A 425 -46.68 -14.42 -33.28
CA PHE A 425 -47.35 -13.21 -32.83
C PHE A 425 -47.22 -12.96 -31.34
N ALA A 426 -47.25 -11.68 -30.97
CA ALA A 426 -47.21 -11.28 -29.57
C ALA A 426 -48.58 -11.67 -29.02
N LYS A 427 -48.60 -12.31 -27.86
CA LYS A 427 -49.85 -12.74 -27.24
C LYS A 427 -50.33 -11.75 -26.17
N VAL A 428 -49.44 -10.90 -25.68
CA VAL A 428 -49.78 -9.87 -24.68
C VAL A 428 -49.01 -8.62 -25.12
N ASP A 429 -49.27 -7.47 -24.51
CA ASP A 429 -48.53 -6.26 -24.85
C ASP A 429 -47.10 -6.43 -24.28
N ILE A 430 -46.09 -6.38 -25.14
CA ILE A 430 -44.69 -6.53 -24.71
C ILE A 430 -44.06 -5.14 -24.55
N THR A 431 -43.27 -4.92 -23.51
CA THR A 431 -42.64 -3.61 -23.35
C THR A 431 -41.13 -3.71 -23.47
N LEU A 432 -40.57 -2.83 -24.29
CA LEU A 432 -39.14 -2.83 -24.50
C LEU A 432 -38.45 -1.92 -23.49
N LYS A 433 -37.13 -2.02 -23.40
CA LYS A 433 -36.40 -1.20 -22.46
C LYS A 433 -36.44 0.27 -22.84
N ASN A 434 -36.70 0.54 -24.11
CA ASN A 434 -36.74 1.91 -24.59
C ASN A 434 -38.14 2.47 -24.60
N GLY A 435 -39.04 1.79 -23.87
CA GLY A 435 -40.40 2.25 -23.75
C GLY A 435 -41.45 1.86 -24.79
N VAL A 436 -41.03 1.44 -25.98
CA VAL A 436 -42.04 1.06 -26.99
C VAL A 436 -42.84 -0.17 -26.58
N ILE A 437 -44.14 -0.06 -26.75
CA ILE A 437 -45.05 -1.14 -26.42
C ILE A 437 -45.52 -1.83 -27.68
N ILE A 438 -45.09 -3.08 -27.85
CA ILE A 438 -45.50 -3.89 -28.97
C ILE A 438 -46.91 -4.36 -28.60
N LYS A 439 -47.91 -3.86 -29.32
CA LYS A 439 -49.27 -4.25 -28.99
C LYS A 439 -49.58 -5.72 -29.26
N SER A 440 -50.23 -6.33 -28.28
CA SER A 440 -50.62 -7.73 -28.37
C SER A 440 -51.24 -8.03 -29.72
N GLY A 441 -50.79 -9.11 -30.36
CA GLY A 441 -51.34 -9.48 -31.65
C GLY A 441 -50.43 -9.05 -32.79
N THR A 442 -49.33 -8.40 -32.44
CA THR A 442 -48.41 -7.94 -33.45
C THR A 442 -47.58 -9.11 -33.97
N GLU A 443 -47.36 -9.16 -35.29
CA GLU A 443 -46.56 -10.23 -35.86
C GLU A 443 -45.13 -9.95 -35.42
N LEU A 444 -44.39 -11.00 -35.09
CA LEU A 444 -43.01 -10.88 -34.62
C LEU A 444 -42.10 -11.89 -35.33
N THR A 445 -42.62 -12.51 -36.38
CA THR A 445 -41.85 -13.52 -37.12
C THR A 445 -40.41 -13.12 -37.43
N GLN A 446 -40.22 -11.86 -37.84
CA GLN A 446 -38.89 -11.35 -38.19
C GLN A 446 -37.86 -11.34 -37.08
N TYR A 447 -38.25 -11.80 -35.89
CA TYR A 447 -37.31 -11.83 -34.76
C TYR A 447 -37.03 -13.27 -34.43
N THR A 448 -37.55 -14.16 -35.27
CA THR A 448 -37.36 -15.58 -35.04
C THR A 448 -36.67 -16.23 -36.22
N THR A 449 -36.37 -17.51 -36.06
CA THR A 449 -35.72 -18.29 -37.09
C THR A 449 -36.27 -19.70 -36.90
N ALA A 450 -36.15 -20.56 -37.90
CA ALA A 450 -36.62 -21.91 -37.77
C ALA A 450 -35.69 -22.92 -38.43
N GLU A 451 -35.50 -24.05 -37.76
CA GLU A 451 -34.66 -25.15 -38.24
C GLU A 451 -35.52 -26.41 -38.20
N VAL A 452 -35.86 -26.92 -39.38
CA VAL A 452 -36.70 -28.12 -39.46
C VAL A 452 -35.97 -29.39 -39.82
N ASP A 453 -36.31 -30.48 -39.15
CA ASP A 453 -35.73 -31.79 -39.41
C ASP A 453 -36.77 -32.68 -40.09
N THR A 454 -36.81 -32.59 -41.41
CA THR A 454 -37.74 -33.37 -42.22
C THR A 454 -37.67 -34.86 -41.90
N THR A 455 -36.45 -35.35 -41.77
CA THR A 455 -36.19 -36.76 -41.47
C THR A 455 -37.06 -37.27 -40.30
N LYS A 456 -36.76 -36.76 -39.11
CA LYS A 456 -37.46 -37.16 -37.89
C LYS A 456 -38.89 -36.63 -37.75
N GLY A 457 -39.20 -35.52 -38.43
CA GLY A 457 -40.53 -34.95 -38.34
C GLY A 457 -40.66 -33.98 -37.18
N ALA A 458 -39.74 -33.02 -37.09
CA ALA A 458 -39.75 -32.03 -36.02
C ALA A 458 -39.37 -30.63 -36.51
N ILE A 459 -39.79 -29.61 -35.76
CA ILE A 459 -39.45 -28.22 -36.12
C ILE A 459 -39.21 -27.38 -34.88
N THR A 460 -38.26 -26.46 -34.97
CA THR A 460 -37.92 -25.60 -33.84
C THR A 460 -37.91 -24.12 -34.23
N ILE A 461 -38.75 -23.35 -33.56
CA ILE A 461 -38.84 -21.92 -33.80
C ILE A 461 -38.13 -21.22 -32.64
N LYS A 462 -37.12 -20.43 -32.98
CA LYS A 462 -36.32 -19.73 -31.99
C LYS A 462 -36.34 -18.21 -32.10
N PHE A 463 -36.48 -17.54 -30.97
CA PHE A 463 -36.47 -16.08 -30.96
C PHE A 463 -34.99 -15.69 -30.93
N LYS A 464 -34.63 -14.56 -31.55
CA LYS A 464 -33.25 -14.11 -31.55
C LYS A 464 -32.95 -13.66 -30.13
N GLU A 465 -31.81 -14.09 -29.60
CA GLU A 465 -31.49 -13.69 -28.25
C GLU A 465 -31.52 -12.17 -28.11
N ALA A 466 -30.98 -11.47 -29.10
CA ALA A 466 -30.97 -10.00 -29.06
C ALA A 466 -32.35 -9.44 -28.75
N PHE A 467 -33.34 -9.77 -29.57
CA PHE A 467 -34.67 -9.28 -29.36
C PHE A 467 -35.17 -9.53 -27.93
N LEU A 468 -34.99 -10.75 -27.44
CA LEU A 468 -35.43 -11.12 -26.10
C LEU A 468 -34.80 -10.28 -24.98
N ARG A 469 -33.54 -9.91 -25.14
CA ARG A 469 -32.84 -9.15 -24.11
C ARG A 469 -33.19 -7.67 -24.20
N SER A 470 -33.99 -7.30 -25.20
CA SER A 470 -34.40 -5.90 -25.34
C SER A 470 -35.72 -5.69 -24.60
N VAL A 471 -36.36 -6.79 -24.21
CA VAL A 471 -37.61 -6.70 -23.48
C VAL A 471 -37.28 -6.32 -22.05
N SER A 472 -38.03 -5.36 -21.50
CA SER A 472 -37.83 -4.89 -20.14
C SER A 472 -38.18 -6.00 -19.14
N ILE A 473 -37.40 -6.14 -18.07
CA ILE A 473 -37.70 -7.19 -17.10
C ILE A 473 -38.98 -6.93 -16.31
N ASP A 474 -39.52 -5.73 -16.40
CA ASP A 474 -40.75 -5.43 -15.70
C ASP A 474 -41.93 -5.80 -16.59
N SER A 475 -41.63 -6.10 -17.85
CA SER A 475 -42.68 -6.42 -18.79
C SER A 475 -43.08 -7.89 -18.87
N ALA A 476 -44.36 -8.11 -19.09
CA ALA A 476 -44.87 -9.46 -19.25
C ALA A 476 -44.46 -9.83 -20.66
N PHE A 477 -44.38 -11.12 -20.93
CA PHE A 477 -44.01 -11.57 -22.26
C PHE A 477 -44.71 -12.88 -22.61
N GLN A 478 -45.21 -12.96 -23.84
CA GLN A 478 -45.86 -14.17 -24.31
C GLN A 478 -46.04 -14.11 -25.81
N ALA A 479 -45.65 -15.18 -26.48
CA ALA A 479 -45.77 -15.26 -27.91
C ALA A 479 -46.44 -16.57 -28.23
N GLU A 480 -46.79 -16.73 -29.50
CA GLU A 480 -47.41 -17.94 -29.99
C GLU A 480 -47.05 -18.00 -31.46
N SER A 481 -46.92 -19.21 -32.01
CA SER A 481 -46.61 -19.32 -33.42
C SER A 481 -47.50 -20.31 -34.15
N TYR A 482 -47.63 -20.10 -35.45
CA TYR A 482 -48.46 -20.97 -36.26
C TYR A 482 -47.58 -21.68 -37.26
N ILE A 483 -47.69 -22.99 -37.29
CA ILE A 483 -46.94 -23.79 -38.24
C ILE A 483 -47.95 -24.51 -39.12
N GLN A 484 -47.93 -24.14 -40.40
CA GLN A 484 -48.81 -24.71 -41.40
C GLN A 484 -48.47 -26.16 -41.72
N MET A 485 -49.48 -27.02 -41.69
CA MET A 485 -49.30 -28.44 -41.95
C MET A 485 -50.31 -28.93 -42.97
N LYS A 486 -49.96 -30.01 -43.66
CA LYS A 486 -50.85 -30.61 -44.66
C LYS A 486 -51.17 -32.03 -44.21
N ARG A 487 -52.46 -32.37 -44.15
CA ARG A 487 -52.85 -33.70 -43.73
C ARG A 487 -52.67 -34.69 -44.88
N ILE A 488 -51.64 -35.52 -44.78
CA ILE A 488 -51.29 -36.49 -45.81
C ILE A 488 -51.91 -37.88 -45.63
N ALA A 489 -52.52 -38.14 -44.49
CA ALA A 489 -53.14 -39.43 -44.24
C ALA A 489 -54.38 -39.31 -43.38
N VAL A 490 -55.38 -40.12 -43.69
CA VAL A 490 -56.63 -40.14 -42.95
C VAL A 490 -56.37 -40.74 -41.56
N GLY A 491 -56.80 -40.06 -40.50
CA GLY A 491 -56.59 -40.58 -39.16
C GLY A 491 -56.39 -39.55 -38.06
N THR A 492 -56.26 -40.04 -36.82
CA THR A 492 -56.04 -39.19 -35.65
C THR A 492 -54.59 -39.30 -35.19
N PHE A 493 -53.87 -38.18 -35.26
CA PHE A 493 -52.45 -38.15 -34.88
C PHE A 493 -52.20 -37.16 -33.74
N GLU A 494 -51.14 -37.38 -32.96
CA GLU A 494 -50.82 -36.52 -31.82
C GLU A 494 -49.46 -35.84 -32.02
N ASN A 495 -49.14 -34.85 -31.19
CA ASN A 495 -47.88 -34.13 -31.36
C ASN A 495 -47.41 -33.54 -30.04
N THR A 496 -46.10 -33.47 -29.87
CA THR A 496 -45.56 -32.96 -28.64
C THR A 496 -45.01 -31.59 -28.97
N TYR A 497 -45.46 -30.63 -28.18
CA TYR A 497 -45.07 -29.24 -28.31
C TYR A 497 -44.37 -28.93 -27.00
N ILE A 498 -43.10 -28.54 -27.10
CA ILE A 498 -42.31 -28.19 -25.93
C ILE A 498 -41.85 -26.75 -26.06
N ASN A 499 -42.20 -25.94 -25.06
CA ASN A 499 -41.85 -24.52 -25.00
C ASN A 499 -40.63 -24.39 -24.10
N THR A 500 -39.59 -23.72 -24.58
CA THR A 500 -38.40 -23.55 -23.77
C THR A 500 -38.25 -22.10 -23.33
N VAL A 501 -38.16 -21.87 -22.02
CA VAL A 501 -37.99 -20.53 -21.50
C VAL A 501 -36.70 -20.48 -20.69
N ASN A 502 -35.73 -19.74 -21.23
CA ASN A 502 -34.42 -19.62 -20.61
C ASN A 502 -33.82 -21.02 -20.41
N GLY A 503 -33.50 -21.40 -19.17
CA GLY A 503 -32.90 -22.70 -18.98
C GLY A 503 -33.78 -23.89 -18.66
N VAL A 504 -35.09 -23.74 -18.85
CA VAL A 504 -36.01 -24.82 -18.53
C VAL A 504 -36.96 -25.10 -19.67
N THR A 505 -37.32 -26.37 -19.84
CA THR A 505 -38.26 -26.74 -20.89
C THR A 505 -39.60 -27.10 -20.23
N TYR A 506 -40.69 -26.73 -20.88
CA TYR A 506 -42.02 -26.99 -20.37
C TYR A 506 -42.87 -27.64 -21.47
N SER A 507 -43.46 -28.79 -21.15
CA SER A 507 -44.22 -29.54 -22.14
C SER A 507 -45.71 -29.26 -22.14
N SER A 508 -46.37 -29.94 -23.09
CA SER A 508 -47.80 -29.87 -23.32
C SER A 508 -48.14 -28.70 -24.21
N VAL B 22 62.14 25.98 -51.14
CA VAL B 22 63.12 27.11 -51.21
C VAL B 22 64.24 26.90 -50.18
N GLN B 23 65.25 26.11 -50.58
CA GLN B 23 66.40 25.77 -49.72
C GLN B 23 65.95 24.64 -48.79
N PRO B 24 66.81 24.21 -47.85
CA PRO B 24 66.33 23.11 -46.99
C PRO B 24 65.03 23.41 -46.27
N GLN B 25 63.91 23.06 -46.90
CA GLN B 25 62.59 23.28 -46.32
C GLN B 25 62.45 22.62 -44.93
N VAL B 26 61.34 22.91 -44.27
CA VAL B 26 61.11 22.39 -42.93
C VAL B 26 59.65 22.02 -42.64
N ASN B 27 59.47 21.30 -41.54
CA ASN B 27 58.15 20.85 -41.15
C ASN B 27 58.21 20.47 -39.66
N LYS B 28 57.20 20.93 -38.92
CA LYS B 28 57.12 20.65 -37.49
C LYS B 28 55.98 19.70 -37.26
N GLU B 29 56.20 18.68 -36.47
CA GLU B 29 55.11 17.77 -36.22
C GLU B 29 54.95 17.64 -34.73
N ILE B 30 53.71 17.42 -34.33
CA ILE B 30 53.36 17.28 -32.92
C ILE B 30 52.77 15.89 -32.73
N ARG B 31 53.30 15.17 -31.73
CA ARG B 31 52.83 13.82 -31.47
C ARG B 31 52.65 13.52 -30.00
N ASN B 32 51.72 12.62 -29.70
CA ASN B 32 51.49 12.25 -28.31
C ASN B 32 52.64 11.29 -27.99
N ASN B 33 52.72 10.81 -26.75
CA ASN B 33 53.81 9.95 -26.36
C ASN B 33 53.90 8.60 -27.05
N ASN B 34 53.08 8.37 -28.07
CA ASN B 34 53.13 7.11 -28.82
C ASN B 34 53.37 7.46 -30.29
N ASP B 35 54.11 8.54 -30.53
CA ASP B 35 54.40 9.03 -31.89
C ASP B 35 53.19 9.10 -32.82
N ILE B 36 52.02 9.42 -32.25
CA ILE B 36 50.80 9.55 -33.04
C ILE B 36 50.52 11.02 -33.30
N ASN B 37 50.19 11.35 -34.54
CA ASN B 37 49.93 12.73 -34.92
C ASN B 37 48.70 13.30 -34.26
N ILE B 38 48.89 14.35 -33.48
CA ILE B 38 47.80 14.99 -32.75
C ILE B 38 47.52 16.42 -33.18
N ASP B 39 48.05 16.81 -34.34
CA ASP B 39 47.83 18.18 -34.83
C ASP B 39 46.33 18.45 -35.01
N ARG B 40 45.85 19.57 -34.46
CA ARG B 40 44.44 19.94 -34.55
C ARG B 40 43.51 19.02 -33.76
N THR B 41 44.05 18.31 -32.75
CA THR B 41 43.19 17.41 -31.97
C THR B 41 43.11 17.74 -30.49
N LEU B 42 42.78 16.73 -29.70
CA LEU B 42 42.62 16.88 -28.28
C LEU B 42 43.49 15.88 -27.52
N VAL B 43 43.93 16.27 -26.32
CA VAL B 43 44.74 15.42 -25.48
C VAL B 43 44.52 15.85 -24.02
N ALA B 44 44.65 14.93 -23.08
CA ALA B 44 44.40 15.23 -21.67
C ALA B 44 45.51 16.03 -20.98
N LYS B 45 45.14 16.66 -19.88
CA LYS B 45 46.08 17.47 -19.12
C LYS B 45 47.15 16.57 -18.52
N GLN B 46 48.38 17.08 -18.47
CA GLN B 46 49.56 16.38 -17.98
C GLN B 46 50.04 15.35 -18.99
N SER B 47 49.39 15.36 -20.15
CA SER B 47 49.75 14.48 -21.25
C SER B 47 51.12 14.88 -21.78
N VAL B 48 51.90 13.93 -22.28
CA VAL B 48 53.21 14.27 -22.82
C VAL B 48 53.04 14.60 -24.30
N VAL B 49 53.62 15.71 -24.72
CA VAL B 49 53.51 16.13 -26.11
C VAL B 49 54.92 16.26 -26.68
N LYS B 50 55.11 15.73 -27.88
CA LYS B 50 56.41 15.76 -28.53
C LYS B 50 56.40 16.62 -29.77
N PHE B 51 57.47 17.39 -29.96
CA PHE B 51 57.61 18.27 -31.11
C PHE B 51 58.79 17.84 -31.96
N GLN B 52 58.49 17.50 -33.21
CA GLN B 52 59.50 17.07 -34.14
C GLN B 52 59.80 18.17 -35.15
N LEU B 53 61.01 18.73 -35.03
CA LEU B 53 61.48 19.81 -35.88
C LEU B 53 62.23 19.16 -37.03
N LYS B 54 61.48 18.87 -38.09
CA LYS B 54 62.01 18.20 -39.26
C LYS B 54 62.51 19.05 -40.40
N THR B 55 63.65 18.63 -40.94
CA THR B 55 64.34 19.29 -42.04
C THR B 55 64.29 18.44 -43.31
N ALA B 56 63.94 19.06 -44.44
CA ALA B 56 63.91 18.34 -45.71
C ALA B 56 65.35 17.93 -46.04
N ASP B 57 65.58 17.43 -47.24
CA ASP B 57 66.94 17.01 -47.62
C ASP B 57 67.82 18.14 -48.13
N LEU B 58 69.05 18.19 -47.63
CA LEU B 58 69.99 19.21 -48.09
C LEU B 58 70.26 18.82 -49.54
N PRO B 59 69.90 19.68 -50.49
CA PRO B 59 70.13 19.32 -51.89
C PRO B 59 71.61 19.10 -52.26
N ALA B 60 71.80 18.52 -53.44
CA ALA B 60 73.13 18.28 -53.99
C ALA B 60 73.55 19.60 -54.69
N GLY B 61 74.74 20.11 -54.36
CA GLY B 61 75.22 21.37 -54.92
C GLY B 61 75.49 22.35 -53.78
N ARG B 62 74.73 22.16 -52.71
CA ARG B 62 74.82 22.96 -51.49
C ARG B 62 76.27 23.27 -51.13
N ASP B 63 76.50 24.39 -50.42
CA ASP B 63 77.85 24.74 -49.95
C ASP B 63 78.09 23.70 -48.88
N GLU B 64 79.06 23.94 -48.00
CA GLU B 64 79.31 22.99 -46.92
C GLU B 64 78.32 23.35 -45.80
N THR B 65 78.68 23.08 -44.54
CA THR B 65 77.80 23.43 -43.43
C THR B 65 78.57 23.62 -42.13
N THR B 66 78.62 24.86 -41.69
CA THR B 66 79.34 25.24 -40.47
C THR B 66 78.43 25.37 -39.26
N SER B 67 77.15 25.63 -39.49
CA SER B 67 76.21 25.73 -38.38
C SER B 67 74.81 25.35 -38.82
N PHE B 68 74.16 24.51 -38.01
CA PHE B 68 72.78 24.07 -38.29
C PHE B 68 72.01 24.35 -37.00
N VAL B 69 71.34 25.50 -36.95
CA VAL B 69 70.63 25.92 -35.75
C VAL B 69 69.10 25.91 -35.78
N LEU B 70 68.53 25.29 -34.75
CA LEU B 70 67.07 25.17 -34.58
C LEU B 70 66.59 25.87 -33.31
N VAL B 71 65.69 26.85 -33.48
CA VAL B 71 65.16 27.63 -32.36
C VAL B 71 63.64 27.47 -32.24
N ASP B 72 63.18 27.08 -31.06
CA ASP B 72 61.75 26.86 -30.85
C ASP B 72 61.14 27.52 -29.60
N PRO B 73 60.44 28.65 -29.78
CA PRO B 73 59.81 29.31 -28.64
C PRO B 73 58.54 28.51 -28.28
N LEU B 74 58.67 27.67 -27.26
CA LEU B 74 57.58 26.80 -26.82
C LEU B 74 56.35 27.54 -26.33
N PRO B 75 55.18 26.92 -26.48
CA PRO B 75 53.90 27.48 -26.07
C PRO B 75 53.78 27.64 -24.56
N SER B 76 52.98 28.61 -24.17
CA SER B 76 52.73 28.87 -22.76
C SER B 76 51.96 27.67 -22.20
N GLY B 77 52.31 27.24 -21.00
CA GLY B 77 51.61 26.11 -20.41
C GLY B 77 52.26 24.80 -20.77
N TYR B 78 53.28 24.85 -21.62
CA TYR B 78 54.01 23.65 -22.00
C TYR B 78 55.25 23.60 -21.12
N GLN B 79 55.39 22.51 -20.39
CA GLN B 79 56.51 22.35 -19.49
C GLN B 79 57.63 21.60 -20.23
N PHE B 80 58.76 22.28 -20.40
CA PHE B 80 59.90 21.70 -21.11
C PHE B 80 60.66 20.72 -20.23
N ASN B 81 60.91 19.52 -20.76
CA ASN B 81 61.62 18.50 -20.02
C ASN B 81 63.01 18.34 -20.63
N PRO B 82 64.02 19.01 -20.06
CA PRO B 82 65.40 18.97 -20.55
C PRO B 82 65.97 17.57 -20.78
N GLU B 83 66.21 16.87 -19.67
CA GLU B 83 66.79 15.53 -19.74
C GLU B 83 66.16 14.63 -20.80
N ALA B 84 64.88 14.80 -21.06
CA ALA B 84 64.19 13.97 -22.05
C ALA B 84 64.41 14.45 -23.47
N THR B 85 64.30 15.75 -23.71
CA THR B 85 64.50 16.26 -25.06
C THR B 85 65.95 16.03 -25.52
N LYS B 86 66.90 16.09 -24.58
CA LYS B 86 68.29 15.81 -24.93
C LYS B 86 68.32 14.37 -25.40
N ALA B 87 68.02 13.46 -24.46
CA ALA B 87 68.00 12.03 -24.72
C ALA B 87 67.23 11.65 -25.98
N ALA B 88 66.34 12.53 -26.44
CA ALA B 88 65.57 12.25 -27.65
C ALA B 88 66.16 13.06 -28.82
N SER B 89 67.15 13.88 -28.51
CA SER B 89 67.77 14.71 -29.53
C SER B 89 69.29 14.51 -29.61
N PRO B 90 69.70 13.41 -30.28
CA PRO B 90 71.09 13.03 -30.48
C PRO B 90 71.63 13.76 -31.71
N GLY B 91 72.85 14.29 -31.60
CA GLY B 91 73.46 15.00 -32.71
C GLY B 91 73.15 16.48 -32.67
N PHE B 92 72.75 16.96 -31.50
CA PHE B 92 72.42 18.37 -31.33
C PHE B 92 72.77 18.83 -29.94
N ASP B 93 73.37 20.00 -29.82
CA ASP B 93 73.68 20.53 -28.51
C ASP B 93 72.33 21.14 -28.09
N VAL B 94 71.94 20.93 -26.84
CA VAL B 94 70.66 21.43 -26.37
C VAL B 94 70.77 22.53 -25.35
N THR B 95 70.28 23.72 -25.72
CA THR B 95 70.29 24.87 -24.82
C THR B 95 68.87 25.37 -24.60
N TYR B 96 68.61 25.84 -23.38
CA TYR B 96 67.28 26.31 -23.04
C TYR B 96 67.26 27.57 -22.18
N ASP B 97 66.48 28.54 -22.65
CA ASP B 97 66.31 29.79 -21.94
C ASP B 97 64.97 29.63 -21.20
N ASN B 98 65.03 29.26 -19.93
CA ASN B 98 63.78 29.07 -19.17
C ASN B 98 62.95 30.34 -19.13
N ALA B 99 63.61 31.48 -19.24
CA ALA B 99 62.88 32.75 -19.21
C ALA B 99 61.87 32.91 -20.34
N THR B 100 62.28 32.59 -21.57
CA THR B 100 61.42 32.73 -22.74
C THR B 100 60.78 31.43 -23.19
N ASN B 101 61.03 30.36 -22.42
CA ASN B 101 60.51 29.04 -22.74
C ASN B 101 60.96 28.69 -24.16
N THR B 102 62.17 29.12 -24.51
CA THR B 102 62.72 28.84 -25.83
C THR B 102 63.85 27.82 -25.76
N VAL B 103 63.79 26.83 -26.64
CA VAL B 103 64.81 25.79 -26.68
C VAL B 103 65.58 25.94 -27.98
N THR B 104 66.89 25.67 -27.91
CA THR B 104 67.77 25.78 -29.06
C THR B 104 68.56 24.50 -29.25
N PHE B 105 68.62 24.03 -30.48
CA PHE B 105 69.37 22.81 -30.83
C PHE B 105 70.41 23.19 -31.88
N LYS B 106 71.64 22.77 -31.66
CA LYS B 106 72.71 23.06 -32.62
C LYS B 106 73.39 21.76 -33.08
N ALA B 107 73.34 21.48 -34.38
CA ALA B 107 74.00 20.27 -34.90
C ALA B 107 75.41 20.30 -34.34
N THR B 108 75.84 19.19 -33.73
CA THR B 108 77.18 19.14 -33.15
C THR B 108 78.27 18.86 -34.17
N ALA B 109 79.48 18.66 -33.64
CA ALA B 109 80.64 18.38 -34.48
C ALA B 109 80.28 17.30 -35.51
N ALA B 110 80.10 16.09 -34.99
CA ALA B 110 79.76 14.94 -35.83
C ALA B 110 78.68 15.27 -36.85
N THR B 111 77.45 15.44 -36.37
CA THR B 111 76.31 15.71 -37.26
C THR B 111 76.66 16.55 -38.48
N LEU B 112 77.41 17.62 -38.24
CA LEU B 112 77.84 18.49 -39.34
C LEU B 112 78.53 17.67 -40.43
N ALA B 113 79.57 16.94 -40.04
CA ALA B 113 80.29 16.06 -40.96
C ALA B 113 79.28 15.43 -41.91
N THR B 114 78.45 14.56 -41.34
CA THR B 114 77.43 13.85 -42.10
C THR B 114 76.78 14.66 -43.23
N PHE B 115 76.60 15.96 -43.03
CA PHE B 115 75.96 16.82 -44.04
C PHE B 115 76.94 17.25 -45.15
N ASN B 116 78.21 17.25 -44.80
CA ASN B 116 79.24 17.67 -45.75
C ASN B 116 79.82 16.49 -46.56
N ALA B 117 79.62 15.27 -46.04
CA ALA B 117 80.09 14.02 -46.64
C ALA B 117 80.17 13.92 -48.16
N ASP B 118 79.45 14.78 -48.89
CA ASP B 118 79.47 14.76 -50.35
C ASP B 118 78.50 15.79 -50.90
N LEU B 119 78.95 17.04 -50.92
CA LEU B 119 78.16 18.17 -51.36
C LEU B 119 77.60 18.04 -52.79
N THR B 120 77.88 16.90 -53.44
CA THR B 120 77.39 16.69 -54.82
C THR B 120 76.19 15.72 -54.88
N LYS B 121 75.90 15.09 -53.74
CA LYS B 121 74.81 14.13 -53.62
C LYS B 121 73.96 14.44 -52.37
N SER B 122 72.69 14.80 -52.62
CA SER B 122 71.72 15.16 -51.59
C SER B 122 71.90 14.25 -50.38
N VAL B 123 71.58 14.78 -49.21
CA VAL B 123 71.71 14.02 -47.96
C VAL B 123 70.44 14.19 -47.09
N ALA B 124 70.24 13.24 -46.19
CA ALA B 124 69.08 13.30 -45.32
C ALA B 124 69.53 13.97 -44.04
N THR B 125 68.61 14.73 -43.45
CA THR B 125 68.87 15.46 -42.23
C THR B 125 68.28 14.70 -41.07
N ILE B 126 68.87 14.88 -39.89
CA ILE B 126 68.33 14.25 -38.70
C ILE B 126 67.51 15.36 -38.03
N TYR B 127 66.95 15.10 -36.85
CA TYR B 127 66.18 16.13 -36.17
C TYR B 127 66.08 15.94 -34.68
N PRO B 128 65.82 17.03 -33.95
CA PRO B 128 65.70 16.99 -32.50
C PRO B 128 64.22 16.80 -32.15
N THR B 129 63.98 16.34 -30.93
CA THR B 129 62.62 16.14 -30.47
C THR B 129 62.44 16.87 -29.17
N VAL B 130 61.51 17.83 -29.15
CA VAL B 130 61.25 18.56 -27.93
C VAL B 130 60.29 17.70 -27.11
N VAL B 131 60.60 17.51 -25.83
CA VAL B 131 59.75 16.71 -24.96
C VAL B 131 59.20 17.47 -23.75
N GLY B 132 57.91 17.35 -23.51
CA GLY B 132 57.30 18.03 -22.38
C GLY B 132 55.83 17.71 -22.17
N GLN B 133 55.26 18.23 -21.09
CA GLN B 133 53.85 18.03 -20.75
C GLN B 133 53.04 19.32 -20.86
N VAL B 134 51.77 19.19 -21.23
CA VAL B 134 50.87 20.35 -21.28
C VAL B 134 50.25 20.34 -19.88
N LEU B 135 50.35 21.46 -19.18
CA LEU B 135 49.87 21.54 -17.80
C LEU B 135 48.51 22.16 -17.47
N ASN B 136 47.80 22.69 -18.47
CA ASN B 136 46.53 23.37 -18.22
C ASN B 136 45.28 22.81 -18.91
N ASP B 137 44.12 23.00 -18.28
CA ASP B 137 42.84 22.56 -18.81
C ASP B 137 42.35 23.58 -19.82
N GLY B 138 41.50 23.14 -20.76
CA GLY B 138 40.95 24.01 -21.77
C GLY B 138 41.90 25.03 -22.35
N ALA B 139 43.07 24.57 -22.77
CA ALA B 139 44.08 25.45 -23.34
C ALA B 139 44.56 24.97 -24.72
N THR B 140 44.87 25.92 -25.60
CA THR B 140 45.36 25.57 -26.93
C THR B 140 46.86 25.79 -26.91
N TYR B 141 47.60 24.91 -27.57
CA TYR B 141 49.05 25.01 -27.61
C TYR B 141 49.52 25.12 -29.05
N LYS B 142 50.10 26.26 -29.41
CA LYS B 142 50.59 26.49 -30.78
C LYS B 142 52.11 26.41 -30.86
N ASN B 143 52.61 25.84 -31.95
CA ASN B 143 54.05 25.66 -32.14
C ASN B 143 54.55 25.78 -33.59
N ASN B 144 55.74 26.34 -33.72
CA ASN B 144 56.46 26.48 -34.99
C ASN B 144 57.89 26.69 -34.56
N PHE B 145 58.82 26.52 -35.49
CA PHE B 145 60.23 26.73 -35.17
C PHE B 145 60.93 27.35 -36.36
N THR B 146 62.19 27.72 -36.17
CA THR B 146 62.95 28.30 -37.26
C THR B 146 64.30 27.61 -37.41
N LEU B 147 64.72 27.45 -38.65
CA LEU B 147 66.00 26.83 -38.98
C LEU B 147 66.94 27.89 -39.55
N THR B 148 68.18 27.86 -39.06
CA THR B 148 69.22 28.77 -39.53
C THR B 148 70.49 28.00 -39.86
N VAL B 149 70.90 28.10 -41.12
CA VAL B 149 72.09 27.40 -41.60
C VAL B 149 73.33 28.31 -41.73
N ASN B 150 74.45 27.85 -41.16
CA ASN B 150 75.70 28.61 -41.18
C ASN B 150 75.49 30.04 -40.69
N ASP B 151 74.37 30.27 -40.03
CA ASP B 151 74.05 31.59 -39.50
C ASP B 151 74.01 32.60 -40.64
N ALA B 152 73.44 32.17 -41.76
CA ALA B 152 73.34 33.03 -42.94
C ALA B 152 71.94 33.14 -43.53
N TYR B 153 71.11 32.12 -43.34
CA TYR B 153 69.72 32.15 -43.84
C TYR B 153 68.78 31.35 -42.96
N GLY B 154 67.48 31.55 -43.17
CA GLY B 154 66.52 30.82 -42.36
C GLY B 154 65.14 30.69 -42.97
N ILE B 155 64.40 29.74 -42.43
CA ILE B 155 63.04 29.44 -42.86
C ILE B 155 62.22 29.19 -41.59
N LYS B 156 61.03 29.78 -41.55
CA LYS B 156 60.14 29.62 -40.40
C LYS B 156 59.20 28.47 -40.74
N SER B 157 59.09 27.50 -39.85
CA SER B 157 58.24 26.35 -40.11
C SER B 157 56.76 26.60 -39.93
N ASN B 158 55.97 25.62 -40.36
CA ASN B 158 54.52 25.63 -40.26
C ASN B 158 54.16 25.74 -38.77
N VAL B 159 52.87 25.87 -38.47
CA VAL B 159 52.41 25.96 -37.09
C VAL B 159 51.47 24.80 -36.76
N VAL B 160 51.79 24.07 -35.69
CA VAL B 160 50.93 22.97 -35.26
C VAL B 160 50.27 23.34 -33.92
N ARG B 161 49.26 22.56 -33.52
CA ARG B 161 48.57 22.85 -32.26
C ARG B 161 47.77 21.68 -31.74
N VAL B 162 47.54 21.68 -30.43
CA VAL B 162 46.75 20.65 -29.77
C VAL B 162 46.03 21.32 -28.60
N THR B 163 44.84 20.84 -28.29
CA THR B 163 44.08 21.43 -27.20
C THR B 163 43.73 20.41 -26.14
N THR B 164 43.59 20.88 -24.91
CA THR B 164 43.21 20.01 -23.82
C THR B 164 41.72 20.23 -23.58
N PRO B 165 41.05 19.27 -22.94
CA PRO B 165 39.61 19.41 -22.67
C PRO B 165 39.34 20.56 -21.68
N GLY B 166 38.12 21.09 -21.68
CA GLY B 166 37.78 22.15 -20.76
C GLY B 166 37.69 23.54 -21.37
N LYS B 167 37.40 23.58 -22.65
CA LYS B 167 37.29 24.84 -23.37
C LYS B 167 36.11 24.85 -24.31
N PRO B 168 35.15 25.75 -24.11
CA PRO B 168 33.98 25.84 -24.98
C PRO B 168 34.34 26.52 -26.29
N ASN B 169 33.53 26.30 -27.32
CA ASN B 169 33.78 26.91 -28.62
C ASN B 169 35.25 26.73 -29.03
N ASP B 170 35.63 25.47 -29.18
CA ASP B 170 36.97 25.06 -29.56
C ASP B 170 36.85 24.68 -31.03
N PRO B 171 37.45 25.48 -31.92
CA PRO B 171 37.38 25.22 -33.37
C PRO B 171 37.72 23.79 -33.81
N ASP B 172 38.66 23.14 -33.12
CA ASP B 172 39.06 21.79 -33.47
C ASP B 172 38.17 20.70 -32.84
N ASN B 173 37.56 20.99 -31.71
CA ASN B 173 36.71 20.02 -31.03
C ASN B 173 35.36 20.61 -30.63
N PRO B 174 34.33 20.41 -31.47
CA PRO B 174 32.96 20.91 -31.23
C PRO B 174 32.34 20.47 -29.90
N ASN B 175 32.69 19.28 -29.43
CA ASN B 175 32.15 18.78 -28.17
C ASN B 175 32.96 19.23 -26.98
N ASN B 176 33.95 20.10 -27.20
CA ASN B 176 34.76 20.55 -26.07
C ASN B 176 33.98 21.59 -25.26
N ASN B 177 34.16 21.55 -23.94
CA ASN B 177 33.53 22.50 -23.04
C ASN B 177 34.13 22.22 -21.66
N TYR B 178 33.67 22.92 -20.63
CA TYR B 178 34.21 22.74 -19.29
C TYR B 178 34.08 21.35 -18.72
N ILE B 179 34.98 20.99 -17.81
CA ILE B 179 34.96 19.68 -17.16
C ILE B 179 34.36 20.02 -15.80
N LYS B 180 33.11 19.64 -15.58
CA LYS B 180 32.47 19.94 -14.31
C LYS B 180 31.47 18.90 -13.87
N PRO B 181 31.87 18.02 -12.96
CA PRO B 181 30.96 16.99 -12.47
C PRO B 181 29.87 17.69 -11.66
N THR B 182 28.66 17.17 -11.70
CA THR B 182 27.60 17.81 -10.93
C THR B 182 26.92 16.80 -10.03
N LYS B 183 26.50 17.30 -8.89
CA LYS B 183 25.80 16.55 -7.87
C LYS B 183 24.40 17.12 -7.64
N VAL B 184 23.43 16.24 -7.41
CA VAL B 184 22.06 16.67 -7.14
C VAL B 184 21.35 15.68 -6.22
N ASN B 185 20.54 16.18 -5.30
CA ASN B 185 19.82 15.32 -4.37
C ASN B 185 18.37 15.17 -4.80
N LYS B 186 17.85 13.94 -4.74
CA LYS B 186 16.46 13.67 -5.13
C LYS B 186 15.78 12.64 -4.23
N ASN B 187 14.45 12.68 -4.19
CA ASN B 187 13.71 11.71 -3.39
C ASN B 187 13.38 10.51 -4.28
N GLU B 188 12.62 9.56 -3.73
CA GLU B 188 12.26 8.36 -4.48
C GLU B 188 11.45 8.66 -5.75
N ASN B 189 10.77 9.79 -5.80
CA ASN B 189 9.98 10.12 -6.98
C ASN B 189 10.70 11.00 -8.00
N GLY B 190 11.96 11.32 -7.72
CA GLY B 190 12.73 12.13 -8.65
C GLY B 190 12.62 13.63 -8.43
N VAL B 191 12.02 14.03 -7.33
CA VAL B 191 11.91 15.45 -7.07
C VAL B 191 13.23 15.98 -6.51
N VAL B 192 13.65 17.15 -6.99
CA VAL B 192 14.89 17.74 -6.52
C VAL B 192 14.66 18.28 -5.10
N ILE B 193 15.39 17.70 -4.14
CA ILE B 193 15.25 18.09 -2.75
C ILE B 193 16.43 18.84 -2.12
N ASP B 194 17.31 19.38 -2.96
CA ASP B 194 18.46 20.13 -2.48
C ASP B 194 17.94 21.21 -1.54
N GLY B 195 18.62 21.38 -0.41
CA GLY B 195 18.20 22.42 0.52
C GLY B 195 16.98 22.17 1.39
N LYS B 196 16.24 21.09 1.14
CA LYS B 196 15.05 20.80 1.93
C LYS B 196 15.39 20.10 3.25
N THR B 197 14.37 19.88 4.08
CA THR B 197 14.56 19.19 5.35
C THR B 197 14.34 17.74 5.00
N VAL B 198 15.08 16.85 5.65
CA VAL B 198 14.94 15.44 5.36
C VAL B 198 14.77 14.71 6.68
N LEU B 199 13.71 13.91 6.76
CA LEU B 199 13.38 13.14 7.95
C LEU B 199 14.36 12.00 8.22
N ALA B 200 14.79 11.86 9.47
CA ALA B 200 15.69 10.77 9.85
C ALA B 200 15.04 9.49 9.35
N GLY B 201 15.78 8.70 8.58
CA GLY B 201 15.22 7.46 8.03
C GLY B 201 14.96 7.66 6.55
N SER B 202 14.76 8.92 6.14
CA SER B 202 14.51 9.24 4.75
C SER B 202 15.77 8.97 3.95
N THR B 203 15.58 8.41 2.76
CA THR B 203 16.71 8.11 1.89
C THR B 203 17.04 9.28 0.97
N ASN B 204 18.33 9.55 0.85
CA ASN B 204 18.84 10.60 -0.02
C ASN B 204 19.26 9.90 -1.31
N TYR B 205 18.58 10.18 -2.41
CA TYR B 205 18.92 9.56 -3.69
C TYR B 205 19.84 10.47 -4.50
N TYR B 206 21.05 10.66 -4.01
CA TYR B 206 22.04 11.50 -4.67
C TYR B 206 22.26 11.06 -6.12
N GLU B 207 22.31 12.02 -7.02
CA GLU B 207 22.51 11.72 -8.43
C GLU B 207 23.81 12.40 -8.87
N LEU B 208 24.78 11.58 -9.24
CA LEU B 208 26.08 12.09 -9.62
C LEU B 208 26.35 12.01 -11.13
N THR B 209 26.78 13.13 -11.70
CA THR B 209 27.10 13.15 -13.11
C THR B 209 28.61 13.07 -13.33
N TRP B 210 29.03 12.10 -14.14
CA TRP B 210 30.42 11.92 -14.52
C TRP B 210 30.49 12.68 -15.85
N ASP B 211 31.03 13.89 -15.79
CA ASP B 211 31.11 14.75 -16.94
C ASP B 211 32.21 14.31 -17.92
N LEU B 212 31.80 13.60 -18.98
CA LEU B 212 32.74 13.08 -19.97
C LEU B 212 32.50 13.51 -21.41
N ASP B 213 31.55 14.41 -21.63
CA ASP B 213 31.27 14.81 -23.01
C ASP B 213 32.40 15.57 -23.73
N GLN B 214 33.18 16.37 -23.00
CA GLN B 214 34.28 17.13 -23.62
C GLN B 214 35.46 16.25 -24.07
N TYR B 215 35.57 15.05 -23.51
CA TYR B 215 36.65 14.17 -23.91
C TYR B 215 36.45 13.54 -25.27
N LYS B 216 35.36 13.85 -25.96
CA LYS B 216 35.11 13.24 -27.25
C LYS B 216 36.25 13.46 -28.28
N ASN B 217 36.75 12.35 -28.82
CA ASN B 217 37.83 12.33 -29.81
C ASN B 217 39.21 12.59 -29.20
N ASP B 218 39.37 12.25 -27.93
CA ASP B 218 40.64 12.42 -27.24
C ASP B 218 41.70 11.59 -27.97
N ARG B 219 42.96 11.91 -27.72
CA ARG B 219 44.06 11.18 -28.34
C ARG B 219 45.23 11.04 -27.40
N SER B 220 44.94 10.79 -26.13
CA SER B 220 45.99 10.63 -25.14
C SER B 220 46.76 9.34 -25.36
N SER B 221 47.92 9.23 -24.73
CA SER B 221 48.76 8.05 -24.84
C SER B 221 48.23 6.94 -23.92
N ALA B 222 48.73 5.72 -24.12
CA ALA B 222 48.30 4.59 -23.33
C ALA B 222 48.53 4.78 -21.83
N ASP B 223 49.70 5.26 -21.43
CA ASP B 223 49.99 5.44 -20.01
C ASP B 223 49.14 6.50 -19.35
N THR B 224 48.63 7.45 -20.13
CA THR B 224 47.79 8.50 -19.58
C THR B 224 46.41 7.89 -19.32
N ILE B 225 46.01 7.00 -20.22
CA ILE B 225 44.73 6.32 -20.07
C ILE B 225 44.81 5.44 -18.83
N GLN B 226 45.93 4.72 -18.67
CA GLN B 226 46.12 3.86 -17.52
C GLN B 226 46.14 4.59 -16.19
N LYS B 227 46.09 5.92 -16.23
CA LYS B 227 46.07 6.70 -15.00
C LYS B 227 44.70 6.50 -14.36
N GLY B 228 43.82 5.77 -15.08
CA GLY B 228 42.50 5.44 -14.60
C GLY B 228 41.41 6.50 -14.51
N PHE B 229 40.20 6.03 -14.26
CA PHE B 229 39.05 6.90 -14.12
C PHE B 229 38.32 6.54 -12.84
N TYR B 230 38.18 7.53 -11.97
CA TYR B 230 37.54 7.30 -10.69
C TYR B 230 36.48 8.34 -10.38
N TYR B 231 35.63 8.02 -9.40
CA TYR B 231 34.58 8.93 -8.95
C TYR B 231 34.46 8.77 -7.45
N VAL B 232 34.64 9.87 -6.73
CA VAL B 232 34.58 9.86 -5.28
C VAL B 232 33.38 10.65 -4.77
N ASP B 233 32.72 10.11 -3.77
CA ASP B 233 31.62 10.84 -3.16
C ASP B 233 31.97 11.01 -1.70
N ASP B 234 32.16 12.24 -1.27
CA ASP B 234 32.50 12.50 0.12
C ASP B 234 31.20 12.73 0.88
N TYR B 235 30.51 11.64 1.20
CA TYR B 235 29.24 11.71 1.91
C TYR B 235 29.48 12.00 3.37
N PRO B 236 28.56 12.75 4.00
CA PRO B 236 28.73 13.07 5.43
C PRO B 236 28.37 11.88 6.31
N GLU B 237 29.35 11.00 6.53
CA GLU B 237 29.15 9.79 7.33
C GLU B 237 28.56 10.03 8.72
N GLU B 238 28.73 11.23 9.26
CA GLU B 238 28.20 11.51 10.58
C GLU B 238 26.68 11.57 10.59
N ALA B 239 26.09 11.89 9.45
CA ALA B 239 24.65 11.97 9.34
C ALA B 239 24.04 10.86 8.49
N LEU B 240 24.76 10.41 7.47
CA LEU B 240 24.25 9.38 6.58
C LEU B 240 24.95 8.03 6.68
N GLU B 241 24.22 6.99 6.26
CA GLU B 241 24.69 5.62 6.26
C GLU B 241 24.49 5.20 4.81
N LEU B 242 25.42 4.41 4.27
CA LEU B 242 25.33 4.00 2.88
C LEU B 242 24.41 2.83 2.55
N ARG B 243 23.75 2.96 1.40
CA ARG B 243 22.88 1.92 0.87
C ARG B 243 23.49 1.56 -0.47
N GLN B 244 24.76 1.16 -0.41
CA GLN B 244 25.58 0.81 -1.57
C GLN B 244 24.95 -0.30 -2.43
N ASP B 245 24.13 -1.13 -1.81
CA ASP B 245 23.46 -2.21 -2.51
C ASP B 245 22.40 -1.65 -3.46
N LEU B 246 22.10 -0.36 -3.34
CA LEU B 246 21.12 0.30 -4.20
C LEU B 246 21.78 1.17 -5.27
N VAL B 247 23.11 1.22 -5.25
CA VAL B 247 23.85 2.01 -6.22
C VAL B 247 23.46 1.56 -7.61
N LYS B 248 23.24 2.52 -8.50
CA LYS B 248 22.85 2.22 -9.87
C LYS B 248 23.56 3.16 -10.84
N ILE B 249 24.22 2.58 -11.85
CA ILE B 249 24.96 3.38 -12.83
C ILE B 249 24.51 3.17 -14.27
N THR B 250 24.18 4.28 -14.94
CA THR B 250 23.73 4.21 -16.32
C THR B 250 24.47 5.26 -17.17
N ASP B 251 24.46 5.09 -18.49
CA ASP B 251 25.12 6.08 -19.33
C ASP B 251 24.07 6.98 -19.96
N ALA B 252 24.54 8.06 -20.59
CA ALA B 252 23.64 9.02 -21.24
C ALA B 252 22.80 8.42 -22.36
N ASN B 253 23.00 7.14 -22.67
CA ASN B 253 22.20 6.47 -23.70
C ASN B 253 21.17 5.56 -23.06
N GLY B 254 21.04 5.66 -21.74
CA GLY B 254 20.08 4.85 -21.00
C GLY B 254 20.57 3.47 -20.61
N ASN B 255 21.59 2.97 -21.28
CA ASN B 255 22.08 1.63 -20.98
C ASN B 255 22.87 1.53 -19.68
N GLU B 256 22.90 0.33 -19.11
CA GLU B 256 23.61 0.09 -17.87
C GLU B 256 25.13 0.00 -18.00
N VAL B 257 25.83 0.64 -17.07
CA VAL B 257 27.30 0.63 -17.02
C VAL B 257 27.68 -0.56 -16.15
N THR B 258 28.54 -1.42 -16.67
CA THR B 258 28.93 -2.61 -15.92
C THR B 258 30.39 -2.71 -15.50
N GLY B 259 31.25 -1.87 -16.05
CA GLY B 259 32.66 -1.94 -15.68
C GLY B 259 33.10 -1.16 -14.45
N VAL B 260 32.14 -0.59 -13.72
CA VAL B 260 32.49 0.19 -12.53
C VAL B 260 32.14 -0.49 -11.21
N SER B 261 33.16 -0.74 -10.40
CA SER B 261 32.98 -1.36 -9.11
C SER B 261 32.92 -0.24 -8.10
N VAL B 262 32.39 -0.52 -6.92
CA VAL B 262 32.28 0.51 -5.90
C VAL B 262 32.82 0.04 -4.56
N ASP B 263 33.32 0.99 -3.78
CA ASP B 263 33.86 0.72 -2.46
C ASP B 263 33.74 1.96 -1.59
N ASN B 264 33.70 1.75 -0.28
CA ASN B 264 33.65 2.86 0.65
C ASN B 264 34.66 2.56 1.74
N TYR B 265 35.28 3.61 2.26
CA TYR B 265 36.32 3.49 3.28
C TYR B 265 36.13 4.44 4.46
N THR B 266 36.41 3.93 5.66
CA THR B 266 36.28 4.69 6.90
C THR B 266 37.04 6.00 6.84
N ASN B 267 38.29 5.93 6.40
CA ASN B 267 39.13 7.11 6.27
C ASN B 267 40.12 6.86 5.16
N LEU B 268 40.85 7.90 4.79
CA LEU B 268 41.82 7.81 3.70
C LEU B 268 42.88 6.74 3.95
N GLU B 269 43.39 6.73 5.18
CA GLU B 269 44.44 5.79 5.59
C GLU B 269 44.02 4.31 5.59
N ALA B 270 42.74 4.05 5.30
CA ALA B 270 42.23 2.67 5.30
C ALA B 270 42.03 2.12 3.90
N ALA B 271 42.15 2.98 2.89
CA ALA B 271 41.97 2.54 1.53
C ALA B 271 43.25 1.92 0.96
N PRO B 272 43.14 1.24 -0.19
CA PRO B 272 44.31 0.61 -0.82
C PRO B 272 45.33 1.69 -1.13
N GLN B 273 46.58 1.28 -1.34
CA GLN B 273 47.62 2.25 -1.65
C GLN B 273 47.36 2.79 -3.05
N GLU B 274 46.89 1.94 -3.95
CA GLU B 274 46.60 2.41 -5.30
C GLU B 274 45.69 3.62 -5.14
N ILE B 275 44.63 3.46 -4.33
CA ILE B 275 43.65 4.53 -4.10
C ILE B 275 44.24 5.77 -3.42
N ARG B 276 44.92 5.57 -2.30
CA ARG B 276 45.51 6.71 -1.61
C ARG B 276 46.41 7.47 -2.58
N ASP B 277 47.07 6.74 -3.47
CA ASP B 277 47.95 7.37 -4.45
C ASP B 277 47.19 8.24 -5.47
N VAL B 278 46.16 7.67 -6.09
CA VAL B 278 45.36 8.38 -7.09
C VAL B 278 44.80 9.68 -6.54
N LEU B 279 44.20 9.59 -5.35
CA LEU B 279 43.61 10.72 -4.67
C LEU B 279 44.63 11.83 -4.39
N SER B 280 45.81 11.43 -3.92
CA SER B 280 46.87 12.38 -3.62
C SER B 280 47.35 13.07 -4.90
N LYS B 281 47.44 12.32 -5.98
CA LYS B 281 47.87 12.92 -7.23
C LYS B 281 46.81 13.90 -7.73
N ALA B 282 45.54 13.56 -7.54
CA ALA B 282 44.44 14.42 -7.98
C ALA B 282 44.23 15.59 -7.03
N GLY B 283 44.83 15.50 -5.85
CA GLY B 283 44.70 16.57 -4.88
C GLY B 283 43.36 16.58 -4.18
N ILE B 284 42.84 15.39 -3.88
CA ILE B 284 41.56 15.26 -3.22
C ILE B 284 41.73 14.62 -1.85
N ARG B 285 41.38 15.37 -0.81
CA ARG B 285 41.51 14.93 0.57
C ARG B 285 40.14 14.74 1.22
N PRO B 286 39.56 13.54 1.09
CA PRO B 286 38.25 13.28 1.69
C PRO B 286 38.27 13.52 3.19
N LYS B 287 37.17 14.04 3.71
CA LYS B 287 37.04 14.31 5.13
C LYS B 287 36.40 13.08 5.78
N GLY B 288 37.18 12.20 6.37
CA GLY B 288 36.59 11.03 7.00
C GLY B 288 36.27 9.92 6.02
N ALA B 289 35.05 9.38 6.09
CA ALA B 289 34.67 8.30 5.21
C ALA B 289 34.31 8.78 3.82
N PHE B 290 34.46 7.92 2.84
CA PHE B 290 34.11 8.29 1.47
C PHE B 290 33.84 7.07 0.62
N GLN B 291 33.11 7.28 -0.47
CA GLN B 291 32.76 6.20 -1.37
C GLN B 291 33.52 6.48 -2.66
N ILE B 292 34.07 5.42 -3.25
CA ILE B 292 34.87 5.55 -4.45
C ILE B 292 34.49 4.56 -5.57
N PHE B 293 34.10 5.10 -6.72
CA PHE B 293 33.73 4.30 -7.88
C PHE B 293 34.96 4.24 -8.78
N ARG B 294 35.26 3.05 -9.29
CA ARG B 294 36.44 2.86 -10.13
C ARG B 294 36.21 2.04 -11.38
N ALA B 295 36.70 2.51 -12.52
CA ALA B 295 36.56 1.77 -13.77
C ALA B 295 37.56 0.62 -13.72
N ASP B 296 37.05 -0.59 -13.61
CA ASP B 296 37.90 -1.77 -13.53
C ASP B 296 38.91 -1.90 -14.66
N ASN B 297 38.48 -1.63 -15.88
CA ASN B 297 39.40 -1.74 -17.00
C ASN B 297 39.46 -0.38 -17.73
N PRO B 298 40.43 0.46 -17.33
CA PRO B 298 40.68 1.80 -17.86
C PRO B 298 40.58 1.95 -19.38
N ARG B 299 41.28 1.10 -20.11
CA ARG B 299 41.28 1.17 -21.56
C ARG B 299 39.88 0.90 -22.16
N GLU B 300 39.17 -0.11 -21.63
CA GLU B 300 37.85 -0.43 -22.14
C GLU B 300 36.83 0.64 -21.75
N PHE B 301 37.01 1.22 -20.57
CA PHE B 301 36.12 2.27 -20.09
C PHE B 301 36.38 3.46 -20.99
N TYR B 302 37.65 3.71 -21.27
CA TYR B 302 38.05 4.84 -22.11
C TYR B 302 37.44 4.71 -23.51
N ASP B 303 37.62 3.54 -24.12
CA ASP B 303 37.12 3.28 -25.46
C ASP B 303 35.61 3.39 -25.51
N THR B 304 34.96 2.93 -24.45
CA THR B 304 33.51 2.91 -24.37
C THR B 304 32.83 4.23 -24.01
N TYR B 305 33.27 4.88 -22.94
CA TYR B 305 32.62 6.12 -22.53
C TYR B 305 33.40 7.40 -22.66
N VAL B 306 34.72 7.33 -22.57
CA VAL B 306 35.54 8.53 -22.63
C VAL B 306 35.77 9.17 -24.00
N LYS B 307 36.42 8.47 -24.93
CA LYS B 307 36.66 9.05 -26.25
C LYS B 307 35.39 9.13 -27.09
N THR B 308 34.32 8.55 -26.57
CA THR B 308 33.03 8.55 -27.23
C THR B 308 32.21 9.70 -26.65
N GLY B 309 32.76 10.35 -25.63
CA GLY B 309 32.10 11.48 -25.00
C GLY B 309 30.71 11.21 -24.43
N ILE B 310 30.55 10.09 -23.72
CA ILE B 310 29.26 9.74 -23.15
C ILE B 310 29.25 9.83 -21.62
N ASP B 311 28.50 10.80 -21.11
CA ASP B 311 28.38 11.00 -19.67
C ASP B 311 27.73 9.82 -18.98
N LEU B 312 27.99 9.70 -17.68
CA LEU B 312 27.41 8.62 -16.90
C LEU B 312 26.69 9.26 -15.72
N LYS B 313 25.58 8.65 -15.31
CA LYS B 313 24.83 9.15 -14.16
C LYS B 313 24.89 8.06 -13.10
N ILE B 314 25.41 8.41 -11.93
CA ILE B 314 25.53 7.47 -10.82
C ILE B 314 24.51 7.78 -9.74
N VAL B 315 23.77 6.77 -9.31
CA VAL B 315 22.80 6.96 -8.24
C VAL B 315 23.33 6.23 -7.02
N SER B 316 23.54 6.98 -5.95
CA SER B 316 24.07 6.43 -4.72
C SER B 316 23.18 6.82 -3.54
N PRO B 317 22.24 5.94 -3.17
CA PRO B 317 21.28 6.13 -2.07
C PRO B 317 21.90 6.09 -0.67
N MET B 318 21.63 7.13 0.11
CA MET B 318 22.13 7.26 1.47
C MET B 318 21.00 7.62 2.46
N VAL B 319 20.96 6.93 3.58
CA VAL B 319 19.92 7.13 4.59
C VAL B 319 20.35 7.96 5.80
N VAL B 320 19.50 8.91 6.20
CA VAL B 320 19.78 9.75 7.37
C VAL B 320 19.68 8.86 8.61
N LYS B 321 20.69 8.90 9.47
CA LYS B 321 20.72 8.09 10.69
C LYS B 321 19.62 8.49 11.67
N LYS B 322 19.08 7.51 12.39
CA LYS B 322 18.03 7.76 13.38
C LYS B 322 18.42 8.92 14.28
N GLN B 323 19.66 8.90 14.74
CA GLN B 323 20.17 9.91 15.67
C GLN B 323 20.07 11.36 15.19
N MET B 324 20.09 11.60 13.89
CA MET B 324 19.97 12.98 13.42
C MET B 324 18.58 13.51 13.76
N GLY B 325 17.62 12.61 13.88
CA GLY B 325 16.25 12.99 14.22
C GLY B 325 16.14 13.47 15.65
N GLN B 326 17.01 12.94 16.51
CA GLN B 326 17.01 13.31 17.92
C GLN B 326 17.75 14.62 18.19
N THR B 327 18.80 14.89 17.41
CA THR B 327 19.57 16.11 17.62
C THR B 327 19.41 17.16 16.53
N GLY B 328 18.68 16.83 15.46
CA GLY B 328 18.54 17.77 14.37
C GLY B 328 19.91 18.07 13.77
N GLY B 329 19.97 18.69 12.60
CA GLY B 329 21.26 19.01 12.01
C GLY B 329 21.35 19.15 10.51
N SER B 330 22.52 19.56 10.03
CA SER B 330 22.79 19.73 8.61
C SER B 330 23.80 18.72 8.15
N TYR B 331 23.91 18.57 6.84
CA TYR B 331 24.89 17.67 6.26
C TYR B 331 25.11 18.08 4.81
N GLU B 332 26.31 17.81 4.31
CA GLU B 332 26.67 18.18 2.96
C GLU B 332 27.30 17.09 2.18
N ASN B 333 27.02 17.12 0.89
CA ASN B 333 27.55 16.15 -0.02
C ASN B 333 28.32 16.82 -1.14
N GLN B 334 29.40 16.16 -1.55
CA GLN B 334 30.25 16.63 -2.62
C GLN B 334 30.95 15.46 -3.29
N ALA B 335 31.05 15.52 -4.61
CA ALA B 335 31.69 14.45 -5.37
C ALA B 335 32.89 14.96 -6.14
N TYR B 336 33.70 14.03 -6.61
CA TYR B 336 34.89 14.34 -7.38
C TYR B 336 35.03 13.32 -8.47
N GLN B 337 35.58 13.73 -9.61
CA GLN B 337 35.85 12.77 -10.67
C GLN B 337 37.34 12.85 -11.01
N ILE B 338 37.95 11.70 -11.22
CA ILE B 338 39.37 11.61 -11.55
C ILE B 338 39.53 11.05 -12.95
N ASP B 339 39.85 11.90 -13.91
CA ASP B 339 40.06 11.44 -15.28
C ASP B 339 41.53 11.58 -15.62
N PHE B 340 42.12 10.50 -16.12
CA PHE B 340 43.52 10.50 -16.50
C PHE B 340 44.37 10.98 -15.33
N GLY B 341 43.90 10.69 -14.11
CA GLY B 341 44.64 11.12 -12.94
C GLY B 341 44.35 12.56 -12.54
N ASN B 342 43.56 13.29 -13.32
CA ASN B 342 43.22 14.69 -13.00
C ASN B 342 41.90 14.80 -12.23
N GLY B 343 41.93 15.41 -11.05
CA GLY B 343 40.71 15.55 -10.27
C GLY B 343 39.90 16.83 -10.47
N TYR B 344 38.58 16.71 -10.40
CA TYR B 344 37.68 17.86 -10.55
C TYR B 344 36.56 17.76 -9.52
N ALA B 345 36.32 18.85 -8.79
CA ALA B 345 35.28 18.87 -7.76
C ALA B 345 33.89 19.35 -8.22
N SER B 346 32.86 18.68 -7.71
CA SER B 346 31.49 19.04 -8.05
C SER B 346 30.95 20.05 -7.05
N ASN B 347 29.73 20.50 -7.30
CA ASN B 347 29.05 21.45 -6.43
C ASN B 347 28.69 20.72 -5.13
N ILE B 348 28.37 21.50 -4.10
CA ILE B 348 27.98 20.95 -2.82
C ILE B 348 26.45 20.97 -2.70
N VAL B 349 25.90 20.01 -1.98
CA VAL B 349 24.47 19.94 -1.77
C VAL B 349 24.26 19.89 -0.26
N ILE B 350 23.41 20.78 0.22
CA ILE B 350 23.15 20.88 1.65
C ILE B 350 21.73 20.51 2.03
N ASN B 351 21.59 19.78 3.12
CA ASN B 351 20.28 19.39 3.61
C ASN B 351 20.14 19.54 5.13
N ASN B 352 18.89 19.56 5.58
CA ASN B 352 18.54 19.74 6.98
C ASN B 352 17.85 18.52 7.57
N VAL B 353 17.95 18.32 8.88
CA VAL B 353 17.24 17.21 9.51
C VAL B 353 16.48 17.77 10.71
N PRO B 354 15.15 17.61 10.71
CA PRO B 354 14.30 18.10 11.80
C PRO B 354 14.45 17.32 13.09
N LYS B 355 14.46 18.05 14.18
CA LYS B 355 14.55 17.45 15.50
C LYS B 355 13.13 17.14 15.96
N ILE B 356 12.80 15.86 16.02
CA ILE B 356 11.49 15.44 16.48
C ILE B 356 11.52 15.43 18.00
N ASN B 357 10.55 16.08 18.62
CA ASN B 357 10.51 16.18 20.07
C ASN B 357 9.11 15.96 20.63
N PRO B 358 8.67 14.70 20.71
CA PRO B 358 7.34 14.38 21.23
C PRO B 358 7.14 14.91 22.65
N LYS B 359 5.98 15.50 22.92
CA LYS B 359 5.67 16.03 24.25
C LYS B 359 4.37 15.39 24.78
N LYS B 360 4.34 15.12 26.07
CA LYS B 360 3.19 14.50 26.70
C LYS B 360 2.74 15.35 27.88
N ASP B 361 1.59 15.03 28.47
CA ASP B 361 1.13 15.72 29.68
C ASP B 361 -0.34 15.51 30.04
N VAL B 362 -0.70 15.90 31.27
CA VAL B 362 -2.03 15.70 31.80
C VAL B 362 -2.99 16.88 31.73
N THR B 363 -4.20 16.63 31.27
CA THR B 363 -5.15 17.71 31.14
C THR B 363 -6.52 17.30 31.70
N LEU B 364 -7.18 18.24 32.37
CA LEU B 364 -8.49 17.95 32.93
C LEU B 364 -9.59 18.31 31.93
N THR B 365 -9.20 18.94 30.83
CA THR B 365 -10.16 19.33 29.81
C THR B 365 -9.71 18.86 28.43
N LEU B 366 -10.67 18.42 27.62
CA LEU B 366 -10.37 17.94 26.29
C LEU B 366 -10.56 19.07 25.28
N ASP B 367 -9.70 20.08 25.34
CA ASP B 367 -9.84 21.20 24.42
C ASP B 367 -8.50 21.69 23.84
N PRO B 368 -8.33 21.60 22.50
CA PRO B 368 -7.13 21.99 21.75
C PRO B 368 -6.68 23.41 22.04
N ALA B 369 -7.65 24.32 22.18
CA ALA B 369 -7.40 25.73 22.45
C ALA B 369 -6.88 25.96 23.87
N ASP B 370 -7.44 25.23 24.83
CA ASP B 370 -7.03 25.36 26.21
C ASP B 370 -5.66 24.70 26.27
N THR B 371 -4.67 25.40 26.82
CA THR B 371 -3.33 24.81 26.91
C THR B 371 -2.94 24.52 28.35
N ASN B 372 -3.86 24.77 29.27
CA ASN B 372 -3.62 24.48 30.69
C ASN B 372 -3.43 22.97 30.79
N ASN B 373 -2.80 22.55 31.88
CA ASN B 373 -2.59 21.14 32.14
C ASN B 373 -2.38 21.02 33.65
N VAL B 374 -2.62 19.85 34.21
CA VAL B 374 -2.40 19.67 35.63
C VAL B 374 -1.16 18.83 35.90
N ASP B 375 -0.14 19.02 35.05
CA ASP B 375 1.12 18.30 35.21
C ASP B 375 1.59 18.53 36.64
N GLY B 376 2.27 17.53 37.21
CA GLY B 376 2.76 17.66 38.57
C GLY B 376 1.68 17.44 39.63
N GLN B 377 0.56 18.13 39.49
CA GLN B 377 -0.56 18.01 40.44
C GLN B 377 -1.00 16.56 40.58
N THR B 378 -1.48 16.19 41.76
CA THR B 378 -1.95 14.83 42.01
C THR B 378 -3.41 14.78 41.59
N ILE B 379 -3.85 13.63 41.09
CA ILE B 379 -5.21 13.45 40.60
C ILE B 379 -6.10 12.67 41.55
N PRO B 380 -7.22 13.27 41.99
CA PRO B 380 -8.19 12.66 42.90
C PRO B 380 -8.75 11.32 42.38
N LEU B 381 -9.05 10.41 43.30
CA LEU B 381 -9.58 9.11 42.94
C LEU B 381 -10.80 9.26 42.02
N ASN B 382 -10.86 8.42 41.00
CA ASN B 382 -11.94 8.40 40.01
C ASN B 382 -12.17 9.63 39.17
N THR B 383 -11.17 10.49 39.06
CA THR B 383 -11.28 11.68 38.23
C THR B 383 -11.05 11.25 36.78
N VAL B 384 -11.85 11.76 35.86
CA VAL B 384 -11.69 11.43 34.47
C VAL B 384 -10.83 12.53 33.87
N PHE B 385 -9.73 12.16 33.21
CA PHE B 385 -8.81 13.14 32.63
C PHE B 385 -8.21 12.62 31.33
N ASN B 386 -7.40 13.47 30.69
CA ASN B 386 -6.77 13.08 29.43
C ASN B 386 -5.27 13.23 29.41
N TYR B 387 -4.59 12.24 28.86
CA TYR B 387 -3.15 12.33 28.68
C TYR B 387 -3.09 12.97 27.29
N ARG B 388 -2.53 14.16 27.20
CA ARG B 388 -2.41 14.86 25.93
C ARG B 388 -1.07 14.50 25.27
N LEU B 389 -1.11 13.70 24.22
CA LEU B 389 0.10 13.30 23.53
C LEU B 389 0.35 14.21 22.34
N ILE B 390 1.46 14.94 22.38
CA ILE B 390 1.80 15.85 21.29
C ILE B 390 2.85 15.25 20.35
N GLY B 391 2.45 15.08 19.09
CA GLY B 391 3.33 14.51 18.09
C GLY B 391 4.39 15.48 17.59
N GLY B 392 5.44 14.93 17.00
CA GLY B 392 6.52 15.76 16.52
C GLY B 392 6.10 16.71 15.41
N ILE B 393 6.89 17.75 15.22
CA ILE B 393 6.61 18.69 14.16
C ILE B 393 7.41 18.29 12.93
N ILE B 394 6.72 18.11 11.81
CA ILE B 394 7.37 17.79 10.55
C ILE B 394 7.31 19.12 9.84
N PRO B 395 8.47 19.77 9.67
CA PRO B 395 8.54 21.08 9.01
C PRO B 395 8.08 21.15 7.58
N ALA B 396 7.74 22.38 7.18
CA ALA B 396 7.34 22.67 5.82
C ALA B 396 8.57 22.45 4.95
N ASN B 397 8.37 22.36 3.63
CA ASN B 397 9.46 22.18 2.69
C ASN B 397 10.34 20.95 2.97
N HIS B 398 9.73 19.81 3.32
CA HIS B 398 10.48 18.56 3.55
C HIS B 398 10.54 17.78 2.25
N SER B 399 11.12 16.58 2.25
CA SER B 399 11.28 15.88 0.99
C SER B 399 10.70 14.50 0.68
N GLU B 400 10.15 13.79 1.65
CA GLU B 400 9.57 12.48 1.33
C GLU B 400 8.13 12.54 1.83
N GLU B 401 7.28 11.67 1.29
CA GLU B 401 5.89 11.64 1.71
C GLU B 401 5.80 11.07 3.13
N LEU B 402 4.72 11.41 3.83
CA LEU B 402 4.50 10.91 5.17
C LEU B 402 3.74 9.62 4.99
N PHE B 403 4.18 8.54 5.62
CA PHE B 403 3.45 7.30 5.46
C PHE B 403 3.14 6.63 6.79
N LYS B 404 3.65 7.20 7.86
CA LYS B 404 3.39 6.67 9.19
C LYS B 404 3.53 7.76 10.23
N TYR B 405 2.56 7.83 11.14
CA TYR B 405 2.54 8.81 12.21
C TYR B 405 1.71 8.18 13.31
N ASN B 406 2.39 7.49 14.23
CA ASN B 406 1.72 6.79 15.32
C ASN B 406 1.97 7.28 16.73
N PHE B 407 0.93 7.19 17.54
CA PHE B 407 1.01 7.55 18.94
C PHE B 407 0.94 6.22 19.70
N TYR B 408 1.97 5.90 20.46
CA TYR B 408 1.98 4.66 21.25
C TYR B 408 2.01 5.05 22.74
N ASP B 409 1.07 4.54 23.52
CA ASP B 409 1.05 4.85 24.93
C ASP B 409 0.91 3.60 25.77
N ASP B 410 1.89 3.38 26.65
CA ASP B 410 1.86 2.24 27.55
C ASP B 410 1.50 2.85 28.89
N TYR B 411 0.27 2.61 29.33
CA TYR B 411 -0.22 3.19 30.58
C TYR B 411 -0.25 2.18 31.70
N ASP B 412 -0.17 2.64 32.95
CA ASP B 412 -0.18 1.71 34.05
C ASP B 412 -1.60 1.48 34.51
N GLN B 413 -2.22 0.41 34.00
CA GLN B 413 -3.59 0.07 34.31
C GLN B 413 -3.84 -0.30 35.77
N THR B 414 -2.96 0.12 36.66
CA THR B 414 -3.14 -0.18 38.08
C THR B 414 -3.70 1.08 38.73
N GLY B 415 -3.47 2.21 38.07
CA GLY B 415 -3.97 3.48 38.54
C GLY B 415 -4.70 4.20 37.43
N ASP B 416 -4.34 3.87 36.19
CA ASP B 416 -4.95 4.48 35.01
C ASP B 416 -5.82 3.51 34.21
N HIS B 417 -7.08 3.88 34.00
CA HIS B 417 -8.00 3.07 33.23
C HIS B 417 -8.34 3.78 31.92
N TYR B 418 -8.16 3.09 30.80
CA TYR B 418 -8.46 3.67 29.50
C TYR B 418 -9.95 3.41 29.22
N THR B 419 -10.72 4.49 29.08
CA THR B 419 -12.15 4.40 28.85
C THR B 419 -12.52 3.93 27.46
N GLY B 420 -11.57 3.97 26.54
CA GLY B 420 -11.88 3.52 25.20
C GLY B 420 -12.15 4.70 24.29
N GLN B 421 -12.00 5.90 24.84
CA GLN B 421 -12.23 7.12 24.08
C GLN B 421 -10.93 7.86 23.79
N TYR B 422 -10.79 8.31 22.55
CA TYR B 422 -9.61 9.06 22.14
C TYR B 422 -9.97 9.99 21.00
N LYS B 423 -9.27 11.11 20.92
CA LYS B 423 -9.47 12.09 19.86
C LYS B 423 -8.14 12.67 19.39
N VAL B 424 -8.08 12.97 18.09
CA VAL B 424 -6.89 13.52 17.45
C VAL B 424 -7.17 14.88 16.81
N PHE B 425 -6.25 15.82 16.98
CA PHE B 425 -6.38 17.14 16.39
C PHE B 425 -5.12 17.61 15.69
N ALA B 426 -5.28 18.50 14.72
CA ALA B 426 -4.14 19.03 14.01
C ALA B 426 -3.58 20.18 14.86
N LYS B 427 -2.26 20.24 15.04
CA LYS B 427 -1.70 21.33 15.84
C LYS B 427 -1.12 22.43 14.98
N VAL B 428 -1.19 22.25 13.67
CA VAL B 428 -0.70 23.25 12.71
C VAL B 428 -1.59 23.16 11.47
N ASP B 429 -1.60 24.22 10.67
CA ASP B 429 -2.39 24.20 9.43
C ASP B 429 -1.69 23.21 8.52
N ILE B 430 -2.44 22.24 8.02
CA ILE B 430 -1.90 21.21 7.16
C ILE B 430 -2.44 21.43 5.76
N THR B 431 -1.57 21.34 4.75
CA THR B 431 -2.00 21.54 3.37
C THR B 431 -1.92 20.24 2.61
N LEU B 432 -2.98 19.91 1.89
CA LEU B 432 -3.04 18.68 1.11
C LEU B 432 -2.52 18.92 -0.30
N LYS B 433 -2.23 17.85 -1.03
CA LYS B 433 -1.72 18.00 -2.39
C LYS B 433 -2.69 18.81 -3.28
N ASN B 434 -3.99 18.72 -3.00
CA ASN B 434 -4.96 19.44 -3.81
C ASN B 434 -5.10 20.91 -3.42
N GLY B 435 -4.32 21.36 -2.45
CA GLY B 435 -4.37 22.76 -2.06
C GLY B 435 -5.26 23.10 -0.87
N VAL B 436 -6.05 22.14 -0.41
CA VAL B 436 -6.94 22.37 0.72
C VAL B 436 -6.18 22.49 2.04
N ILE B 437 -6.46 23.56 2.77
CA ILE B 437 -5.79 23.78 4.03
C ILE B 437 -6.69 23.41 5.18
N ILE B 438 -6.22 22.48 6.00
CA ILE B 438 -6.92 22.03 7.19
C ILE B 438 -6.42 22.94 8.31
N LYS B 439 -7.24 23.90 8.72
CA LYS B 439 -6.82 24.82 9.76
C LYS B 439 -6.49 24.10 11.07
N SER B 440 -5.57 24.68 11.83
CA SER B 440 -5.11 24.12 13.10
C SER B 440 -6.26 23.92 14.07
N GLY B 441 -6.21 22.85 14.86
CA GLY B 441 -7.28 22.59 15.82
C GLY B 441 -8.40 21.71 15.29
N THR B 442 -8.46 21.53 13.98
CA THR B 442 -9.49 20.69 13.37
C THR B 442 -9.32 19.26 13.83
N GLU B 443 -10.41 18.56 14.04
CA GLU B 443 -10.35 17.17 14.48
C GLU B 443 -10.02 16.23 13.31
N LEU B 444 -9.18 15.24 13.57
CA LEU B 444 -8.77 14.30 12.55
C LEU B 444 -8.95 12.83 12.96
N THR B 445 -9.67 12.62 14.06
CA THR B 445 -9.90 11.27 14.57
C THR B 445 -10.32 10.28 13.48
N GLN B 446 -11.14 10.76 12.55
CA GLN B 446 -11.66 9.95 11.44
C GLN B 446 -10.56 9.38 10.54
N TYR B 447 -9.41 10.04 10.48
CA TYR B 447 -8.32 9.58 9.64
C TYR B 447 -7.39 8.63 10.38
N THR B 448 -7.85 8.16 11.54
CA THR B 448 -7.04 7.29 12.35
C THR B 448 -7.75 5.99 12.70
N THR B 449 -7.07 5.19 13.49
CA THR B 449 -7.58 3.92 13.98
C THR B 449 -6.73 3.70 15.21
N ALA B 450 -7.14 2.78 16.05
CA ALA B 450 -6.37 2.52 17.25
C ALA B 450 -6.43 1.06 17.62
N GLU B 451 -5.28 0.54 18.03
CA GLU B 451 -5.18 -0.84 18.45
C GLU B 451 -4.93 -0.84 19.95
N VAL B 452 -5.79 -1.54 20.67
CA VAL B 452 -5.70 -1.62 22.12
C VAL B 452 -5.37 -3.02 22.62
N ASP B 453 -4.38 -3.09 23.49
CA ASP B 453 -3.97 -4.35 24.12
C ASP B 453 -4.31 -4.09 25.59
N THR B 454 -5.47 -4.56 26.01
CA THR B 454 -5.92 -4.35 27.38
C THR B 454 -5.18 -5.25 28.36
N THR B 455 -4.55 -6.29 27.85
CA THR B 455 -3.80 -7.19 28.73
C THR B 455 -2.51 -6.47 29.08
N LYS B 456 -1.76 -6.08 28.06
CA LYS B 456 -0.52 -5.37 28.25
C LYS B 456 -0.81 -3.96 28.78
N GLY B 457 -1.95 -3.40 28.41
CA GLY B 457 -2.31 -2.06 28.86
C GLY B 457 -1.67 -0.97 28.04
N ALA B 458 -1.75 -1.11 26.72
CA ALA B 458 -1.16 -0.12 25.83
C ALA B 458 -2.11 0.18 24.67
N ILE B 459 -2.03 1.40 24.18
CA ILE B 459 -2.86 1.84 23.06
C ILE B 459 -2.00 2.46 21.96
N THR B 460 -2.27 2.10 20.72
CA THR B 460 -1.53 2.62 19.57
C THR B 460 -2.47 3.29 18.58
N ILE B 461 -2.38 4.60 18.50
CA ILE B 461 -3.18 5.40 17.58
C ILE B 461 -2.38 5.59 16.29
N LYS B 462 -2.91 5.07 15.18
CA LYS B 462 -2.25 5.16 13.88
C LYS B 462 -3.00 6.00 12.86
N PHE B 463 -2.33 6.94 12.20
CA PHE B 463 -2.97 7.70 11.14
C PHE B 463 -3.03 6.74 9.95
N LYS B 464 -4.05 6.84 9.12
CA LYS B 464 -4.13 5.95 7.96
C LYS B 464 -3.14 6.45 6.92
N GLU B 465 -2.41 5.53 6.29
CA GLU B 465 -1.44 5.93 5.29
C GLU B 465 -2.02 6.77 4.14
N ALA B 466 -3.21 6.41 3.68
CA ALA B 466 -3.82 7.16 2.59
C ALA B 466 -3.93 8.63 2.90
N PHE B 467 -4.30 8.95 4.14
CA PHE B 467 -4.42 10.34 4.53
C PHE B 467 -3.06 11.02 4.64
N LEU B 468 -2.08 10.31 5.21
CA LEU B 468 -0.76 10.91 5.35
C LEU B 468 -0.17 11.22 3.98
N ARG B 469 -0.33 10.30 3.03
CA ARG B 469 0.21 10.49 1.69
C ARG B 469 -0.47 11.58 0.89
N SER B 470 -1.63 12.04 1.35
CA SER B 470 -2.35 13.08 0.63
C SER B 470 -1.86 14.44 1.10
N VAL B 471 -0.97 14.44 2.08
CA VAL B 471 -0.43 15.69 2.59
C VAL B 471 0.71 16.14 1.67
N SER B 472 0.75 17.44 1.37
CA SER B 472 1.79 17.99 0.52
C SER B 472 3.14 17.91 1.21
N ILE B 473 4.19 17.57 0.45
CA ILE B 473 5.52 17.49 1.05
C ILE B 473 6.03 18.89 1.36
N ASP B 474 5.37 19.91 0.83
CA ASP B 474 5.77 21.29 1.11
C ASP B 474 5.15 21.80 2.40
N SER B 475 4.16 21.08 2.92
CA SER B 475 3.47 21.49 4.14
C SER B 475 4.04 20.98 5.45
N ALA B 476 3.85 21.77 6.50
CA ALA B 476 4.29 21.34 7.82
C ALA B 476 3.22 20.37 8.29
N PHE B 477 3.52 19.58 9.31
CA PHE B 477 2.56 18.63 9.83
C PHE B 477 2.78 18.30 11.29
N GLN B 478 1.70 18.26 12.05
CA GLN B 478 1.76 17.93 13.44
C GLN B 478 0.39 17.61 13.99
N ALA B 479 0.26 16.42 14.56
CA ALA B 479 -1.01 16.01 15.12
C ALA B 479 -0.88 15.98 16.63
N GLU B 480 -1.99 15.74 17.30
CA GLU B 480 -2.09 15.74 18.76
C GLU B 480 -3.17 14.76 19.21
N SER B 481 -2.86 13.90 20.18
CA SER B 481 -3.82 12.92 20.68
C SER B 481 -4.25 13.09 22.12
N TYR B 482 -5.51 12.77 22.39
CA TYR B 482 -6.05 12.85 23.75
C TYR B 482 -6.62 11.48 24.11
N ILE B 483 -6.03 10.79 25.08
CA ILE B 483 -6.60 9.51 25.48
C ILE B 483 -7.22 9.66 26.85
N GLN B 484 -8.54 9.42 26.92
CA GLN B 484 -9.29 9.57 28.16
C GLN B 484 -9.04 8.47 29.18
N MET B 485 -8.76 8.89 30.41
CA MET B 485 -8.48 7.95 31.48
C MET B 485 -9.26 8.31 32.75
N LYS B 486 -9.53 7.29 33.56
CA LYS B 486 -10.16 7.52 34.85
C LYS B 486 -9.13 7.01 35.86
N ARG B 487 -8.83 7.82 36.88
CA ARG B 487 -7.86 7.39 37.89
C ARG B 487 -8.48 6.48 38.94
N ILE B 488 -8.19 5.18 38.86
CA ILE B 488 -8.77 4.24 39.80
C ILE B 488 -7.98 4.01 41.09
N ALA B 489 -6.92 4.77 41.31
CA ALA B 489 -6.13 4.60 42.51
C ALA B 489 -5.33 5.82 42.91
N VAL B 490 -5.11 5.96 44.21
CA VAL B 490 -4.34 7.07 44.74
C VAL B 490 -2.84 6.80 44.53
N GLY B 491 -2.07 7.84 44.25
CA GLY B 491 -0.66 7.65 44.03
C GLY B 491 -0.14 8.20 42.72
N THR B 492 1.13 7.94 42.46
CA THR B 492 1.76 8.42 41.24
C THR B 492 1.96 7.25 40.30
N PHE B 493 1.64 7.46 39.03
CA PHE B 493 1.82 6.40 38.06
C PHE B 493 2.60 6.94 36.88
N GLU B 494 3.39 6.06 36.26
CA GLU B 494 4.17 6.49 35.13
C GLU B 494 3.51 6.12 33.82
N ASN B 495 3.77 6.89 32.83
CA ASN B 495 3.22 6.75 31.50
C ASN B 495 4.32 6.89 30.45
N THR B 496 4.36 5.91 29.56
CA THR B 496 5.31 5.89 28.45
C THR B 496 4.62 6.21 27.14
N TYR B 497 5.09 7.24 26.45
CA TYR B 497 4.52 7.63 25.16
C TYR B 497 5.61 7.76 24.11
N ILE B 498 5.44 7.07 22.99
CA ILE B 498 6.39 7.09 21.89
C ILE B 498 5.71 7.50 20.58
N ASN B 499 6.27 8.49 19.90
CA ASN B 499 5.74 8.97 18.62
C ASN B 499 6.58 8.38 17.48
N THR B 500 5.95 7.71 16.52
CA THR B 500 6.66 7.14 15.39
C THR B 500 6.37 7.88 14.08
N VAL B 501 7.39 8.54 13.52
CA VAL B 501 7.25 9.27 12.27
C VAL B 501 7.97 8.49 11.17
N ASN B 502 7.21 8.01 10.19
CA ASN B 502 7.78 7.22 9.11
C ASN B 502 8.62 6.07 9.66
N GLY B 503 9.90 6.03 9.32
CA GLY B 503 10.71 4.93 9.80
C GLY B 503 11.35 5.03 11.16
N VAL B 504 11.20 6.16 11.84
CA VAL B 504 11.84 6.32 13.14
C VAL B 504 10.91 6.52 14.33
N THR B 505 11.32 6.04 15.50
CA THR B 505 10.52 6.20 16.72
C THR B 505 11.23 7.18 17.67
N TYR B 506 10.53 8.23 18.06
CA TYR B 506 11.08 9.21 18.99
C TYR B 506 10.25 9.20 20.26
N SER B 507 10.90 9.19 21.41
CA SER B 507 10.14 9.01 22.66
C SER B 507 10.24 10.11 23.67
N SER B 508 9.76 9.76 24.87
CA SER B 508 9.74 10.61 26.06
C SER B 508 9.43 12.07 25.72
#